data_5JLV
#
_entry.id   5JLV
#
_cell.length_a   109.002
_cell.length_b   111.853
_cell.length_c   126.253
_cell.angle_alpha   90.00
_cell.angle_beta   101.29
_cell.angle_gamma   90.00
#
_symmetry.space_group_name_H-M   'C 1 2 1'
#
loop_
_entity.id
_entity.type
_entity.pdbx_description
1 polymer 'Botulinum neurotoxin type A'
2 polymer 'Synaptic vesicle glycoprotein 2C'
3 branched beta-D-mannopyranose-(1-4)-2-acetamido-2-deoxy-beta-D-glucopyranose-(1-4)-[alpha-L-fucopyranose-(1-6)]2-acetamido-2-deoxy-beta-D-glucopyranose
4 branched 2-acetamido-2-deoxy-beta-D-glucopyranose-(1-4)-[alpha-L-fucopyranose-(1-6)]2-acetamido-2-deoxy-beta-D-glucopyranose
5 non-polymer 'ACETATE ION'
6 non-polymer 'PHOSPHATE ION'
7 non-polymer 2-acetamido-2-deoxy-beta-D-glucopyranose
8 water water
#
loop_
_entity_poly.entity_id
_entity_poly.type
_entity_poly.pdbx_seq_one_letter_code
_entity_poly.pdbx_strand_id
1 'polypeptide(L)'
;GPMNIINTSILNLRYESNHLIDLSRYASKINIGSKVNFDPIDKNQIQLFNLESSKIEVILKNAIVYNSMYENFSTSFWIR
IPKYFNSISLNNEYTIINCMENNSGWKVSLNYGEIIWTLQDTQEIKQRVVFKYSQMINISDYINRWIFVTITNNRLNNSK
IYINGRLIDQKPISNLGNIHASNNIMFKLDGCRDTHRYIWIKYFNLFDKELNEKEIKDLYDNQSNSGILKDFWGDYLQYD
KPYYMLNLYDPNKYVDVNNVGIRGYMYLKGPRGSVMTTNIYLNSSLYRGAKFIIKKYASGNKDNIVRNNDRVYINVVVKN
KEYRLATNASQAGVEKILSALEIPDVGNLSQVVVMKSKNDQGITNKCKMNLQDNNGNDIGFIGFHQFNNIAKLVASNWYN
RQIERSSRTLGCSWEFIPVDDGWGERPL
;
A,B
2 'polypeptide(L)'
;SHHHHHHHHHSGGGSGGGIEGRVERDKYANFTINFTMENQIHTGMEYDNGRFIGVKFKSVTFKDSVFKSCTFEDVTSVNT
YFKNCTFIDTVFDNTDFEPYKFIDSEFKNCSFFHNKT
;
C,D
#
# COMPACT_ATOMS: atom_id res chain seq x y z
N PRO A 2 -17.35 3.28 -40.48
CA PRO A 2 -18.17 4.31 -39.85
C PRO A 2 -19.31 4.75 -40.76
N MET A 3 -20.40 5.25 -40.18
CA MET A 3 -21.57 5.61 -41.00
C MET A 3 -21.38 6.96 -41.72
N ASN A 4 -22.26 7.23 -42.67
CA ASN A 4 -22.13 8.36 -43.60
C ASN A 4 -22.08 9.73 -42.94
N ILE A 5 -22.85 9.89 -41.86
CA ILE A 5 -22.96 11.16 -41.16
C ILE A 5 -21.62 11.55 -40.51
N ILE A 6 -20.84 10.53 -40.12
CA ILE A 6 -19.48 10.71 -39.60
C ILE A 6 -18.52 11.02 -40.75
N ASN A 7 -18.65 10.27 -41.84
CA ASN A 7 -17.83 10.49 -43.03
C ASN A 7 -17.97 11.92 -43.56
N THR A 8 -19.17 12.49 -43.43
CA THR A 8 -19.47 13.83 -43.93
C THR A 8 -19.46 14.90 -42.82
N SER A 9 -19.06 14.50 -41.61
CA SER A 9 -19.00 15.43 -40.48
C SER A 9 -18.01 16.56 -40.77
N ILE A 10 -18.27 17.75 -40.28
CA ILE A 10 -17.32 18.85 -40.51
C ILE A 10 -16.12 18.76 -39.55
N LEU A 11 -16.24 17.94 -38.51
CA LEU A 11 -15.13 17.60 -37.62
C LEU A 11 -15.33 16.20 -37.04
N ASN A 12 -14.26 15.41 -37.03
CA ASN A 12 -14.30 14.04 -36.57
C ASN A 12 -13.02 13.71 -35.78
N LEU A 13 -13.08 13.97 -34.49
CA LEU A 13 -11.91 13.94 -33.64
C LEU A 13 -11.70 12.53 -33.09
N ARG A 14 -10.64 11.86 -33.56
CA ARG A 14 -10.37 10.46 -33.20
C ARG A 14 -8.89 10.22 -32.96
N TYR A 15 -8.59 9.28 -32.06
CA TYR A 15 -7.22 8.84 -31.84
C TYR A 15 -6.86 7.71 -32.79
N GLU A 16 -5.81 7.91 -33.57
CA GLU A 16 -5.39 6.93 -34.55
C GLU A 16 -3.90 6.98 -34.74
N SER A 17 -3.29 5.82 -34.94
CA SER A 17 -1.85 5.70 -35.18
C SER A 17 -1.03 6.61 -34.25
N ASN A 18 -1.39 6.61 -32.97
CA ASN A 18 -0.62 7.32 -31.92
C ASN A 18 -0.80 8.85 -31.84
N HIS A 19 -1.80 9.38 -32.53
CA HIS A 19 -2.11 10.81 -32.49
C HIS A 19 -3.61 11.06 -32.41
N LEU A 20 -4.00 12.15 -31.76
CA LEU A 20 -5.36 12.64 -31.85
C LEU A 20 -5.48 13.53 -33.09
N ILE A 21 -6.29 13.07 -34.06
CA ILE A 21 -6.42 13.78 -35.33
C ILE A 21 -7.88 13.96 -35.74
N ASP A 22 -8.11 14.85 -36.69
CA ASP A 22 -9.41 15.02 -37.30
C ASP A 22 -9.47 14.20 -38.58
N LEU A 23 -10.35 13.20 -38.63
CA LEU A 23 -10.51 12.35 -39.82
C LEU A 23 -11.44 12.94 -40.88
N SER A 24 -12.06 14.08 -40.57
CA SER A 24 -12.94 14.76 -41.54
C SER A 24 -12.17 15.24 -42.76
N ARG A 25 -12.86 15.31 -43.90
CA ARG A 25 -12.30 15.83 -45.15
C ARG A 25 -11.46 17.09 -44.97
N TYR A 26 -11.83 17.90 -43.98
CA TYR A 26 -11.24 19.21 -43.75
C TYR A 26 -9.93 19.14 -42.97
N ALA A 27 -9.68 17.99 -42.34
CA ALA A 27 -8.39 17.71 -41.68
C ALA A 27 -7.90 18.91 -40.86
N SER A 28 -8.73 19.37 -39.93
CA SER A 28 -8.37 20.48 -39.04
C SER A 28 -7.18 20.12 -38.17
N LYS A 29 -6.36 21.11 -37.83
CA LYS A 29 -5.20 20.91 -36.97
C LYS A 29 -5.61 20.78 -35.50
N ILE A 30 -4.97 19.87 -34.78
CA ILE A 30 -5.22 19.63 -33.35
C ILE A 30 -3.94 19.84 -32.53
N ASN A 31 -4.03 20.74 -31.56
CA ASN A 31 -2.93 20.99 -30.63
C ASN A 31 -3.27 20.38 -29.27
N ILE A 32 -2.37 19.55 -28.75
CA ILE A 32 -2.61 18.87 -27.47
C ILE A 32 -1.66 19.38 -26.41
N GLY A 33 -2.21 19.80 -25.28
CA GLY A 33 -1.42 20.24 -24.15
C GLY A 33 -0.73 19.09 -23.46
N SER A 34 0.27 19.39 -22.66
CA SER A 34 1.15 18.36 -22.07
C SER A 34 0.49 17.53 -20.95
N LYS A 35 -0.63 18.00 -20.40
CA LYS A 35 -1.27 17.28 -19.29
C LYS A 35 -2.66 16.73 -19.63
N VAL A 36 -2.81 16.29 -20.86
CA VAL A 36 -4.00 15.59 -21.31
C VAL A 36 -3.73 14.09 -21.13
N ASN A 37 -4.64 13.39 -20.47
CA ASN A 37 -4.48 11.95 -20.28
C ASN A 37 -5.34 11.15 -21.26
N PHE A 38 -4.72 10.19 -21.93
CA PHE A 38 -5.45 9.20 -22.74
C PHE A 38 -5.46 7.86 -22.02
N ASP A 39 -6.64 7.24 -21.95
CA ASP A 39 -6.80 5.93 -21.32
C ASP A 39 -5.98 4.88 -22.12
N PRO A 40 -5.00 4.21 -21.47
CA PRO A 40 -4.20 3.24 -22.23
C PRO A 40 -5.02 2.10 -22.88
N ILE A 41 -6.14 1.70 -22.27
CA ILE A 41 -6.97 0.64 -22.86
C ILE A 41 -7.82 1.09 -24.07
N ASP A 42 -8.20 2.37 -24.10
CA ASP A 42 -8.95 2.94 -25.21
C ASP A 42 -8.59 4.41 -25.31
N LYS A 43 -7.63 4.72 -26.18
CA LYS A 43 -7.05 6.04 -26.23
C LYS A 43 -7.98 7.11 -26.83
N ASN A 44 -9.13 6.69 -27.36
CA ASN A 44 -10.21 7.65 -27.67
C ASN A 44 -10.84 8.27 -26.42
N GLN A 45 -10.65 7.62 -25.26
CA GLN A 45 -11.15 8.18 -24.01
C GLN A 45 -10.11 9.13 -23.45
N ILE A 46 -10.50 10.40 -23.32
CA ILE A 46 -9.60 11.50 -23.03
C ILE A 46 -9.98 12.12 -21.69
N GLN A 47 -9.00 12.35 -20.84
CA GLN A 47 -9.26 12.90 -19.52
C GLN A 47 -8.66 14.28 -19.41
N LEU A 48 -9.49 15.26 -19.06
CA LEU A 48 -9.04 16.63 -18.90
C LEU A 48 -9.14 17.05 -17.45
N PHE A 49 -8.06 17.59 -16.92
CA PHE A 49 -8.02 18.02 -15.52
C PHE A 49 -8.22 19.53 -15.39
N ASN A 50 -8.41 20.00 -14.16
CA ASN A 50 -8.54 21.43 -13.93
C ASN A 50 -7.16 22.06 -13.85
N LEU A 51 -6.46 22.06 -14.99
CA LEU A 51 -5.10 22.57 -15.11
C LEU A 51 -4.94 23.24 -16.46
N GLU A 52 -4.19 24.33 -16.48
CA GLU A 52 -4.01 25.14 -17.69
C GLU A 52 -3.54 24.33 -18.90
N SER A 53 -2.55 23.47 -18.68
CA SER A 53 -1.95 22.68 -19.76
C SER A 53 -2.76 21.42 -20.11
N SER A 54 -3.86 21.18 -19.40
CA SER A 54 -4.77 20.09 -19.71
C SER A 54 -5.87 20.59 -20.65
N LYS A 55 -5.56 20.59 -21.94
CA LYS A 55 -6.42 21.23 -22.92
C LYS A 55 -6.16 20.65 -24.31
N ILE A 56 -7.19 20.66 -25.12
CA ILE A 56 -7.06 20.33 -26.53
C ILE A 56 -7.61 21.49 -27.36
N GLU A 57 -6.87 21.89 -28.37
CA GLU A 57 -7.28 22.98 -29.25
C GLU A 57 -7.41 22.52 -30.70
N VAL A 58 -8.61 22.64 -31.25
CA VAL A 58 -8.85 22.37 -32.66
C VAL A 58 -8.87 23.70 -33.41
N ILE A 59 -7.85 23.94 -34.22
CA ILE A 59 -7.80 25.13 -35.07
C ILE A 59 -8.54 24.84 -36.37
N LEU A 60 -9.74 25.40 -36.50
CA LEU A 60 -10.63 25.06 -37.61
C LEU A 60 -10.17 25.65 -38.92
N LYS A 61 -10.44 24.92 -40.00
CA LYS A 61 -10.24 25.44 -41.35
C LYS A 61 -11.22 26.57 -41.61
N ASN A 62 -10.71 27.69 -42.12
CA ASN A 62 -11.53 28.89 -42.33
C ASN A 62 -12.87 28.57 -42.99
N ALA A 63 -12.85 27.63 -43.93
CA ALA A 63 -14.06 27.21 -44.65
C ALA A 63 -15.22 26.86 -43.71
N ILE A 64 -14.94 26.08 -42.68
CA ILE A 64 -16.00 25.57 -41.78
C ILE A 64 -16.20 26.37 -40.49
N VAL A 65 -15.53 27.51 -40.34
CA VAL A 65 -15.78 28.42 -39.21
C VAL A 65 -17.21 28.98 -39.29
N TYR A 66 -17.96 28.82 -38.21
CA TYR A 66 -19.38 29.24 -38.19
C TYR A 66 -19.57 30.76 -38.04
N ASN A 67 -20.28 31.35 -38.98
CA ASN A 67 -20.60 32.78 -38.98
C ASN A 67 -21.87 33.02 -39.79
N SER A 68 -23.02 32.67 -39.20
CA SER A 68 -24.29 32.63 -39.95
C SER A 68 -25.52 33.04 -39.12
N MET A 69 -26.60 33.30 -39.85
CA MET A 69 -27.91 33.56 -39.26
C MET A 69 -28.84 32.35 -39.43
N TYR A 70 -28.46 31.42 -40.32
CA TYR A 70 -29.42 30.43 -40.85
C TYR A 70 -28.89 28.99 -40.97
N GLU A 71 -27.59 28.81 -40.85
CA GLU A 71 -27.02 27.50 -41.06
C GLU A 71 -27.25 26.64 -39.82
N ASN A 72 -27.91 25.50 -40.02
CA ASN A 72 -28.15 24.54 -38.94
C ASN A 72 -26.92 23.69 -38.67
N PHE A 73 -26.73 23.31 -37.40
CA PHE A 73 -25.60 22.48 -37.01
C PHE A 73 -25.84 21.68 -35.73
N SER A 74 -25.08 20.61 -35.59
CA SER A 74 -25.18 19.71 -34.44
C SER A 74 -23.80 19.31 -33.95
N THR A 75 -23.74 18.95 -32.67
CA THR A 75 -22.55 18.35 -32.10
C THR A 75 -22.95 17.07 -31.33
N SER A 76 -22.05 16.08 -31.33
CA SER A 76 -22.23 14.87 -30.49
C SER A 76 -20.93 14.47 -29.84
N PHE A 77 -21.07 13.88 -28.66
CA PHE A 77 -19.92 13.38 -27.90
C PHE A 77 -20.38 12.55 -26.70
N TRP A 78 -19.45 11.76 -26.17
CA TRP A 78 -19.69 11.07 -24.91
C TRP A 78 -18.90 11.73 -23.81
N ILE A 79 -19.49 11.78 -22.63
CA ILE A 79 -18.86 12.38 -21.50
C ILE A 79 -19.06 11.52 -20.23
N ARG A 80 -18.08 11.55 -19.34
CA ARG A 80 -18.22 10.91 -18.04
C ARG A 80 -17.76 11.87 -16.98
N ILE A 81 -18.70 12.27 -16.14
CA ILE A 81 -18.51 13.37 -15.21
C ILE A 81 -18.48 12.80 -13.78
N PRO A 82 -17.36 12.96 -13.09
CA PRO A 82 -17.29 12.43 -11.72
C PRO A 82 -18.33 13.07 -10.80
N LYS A 83 -18.74 12.35 -9.76
CA LYS A 83 -19.70 12.90 -8.81
C LYS A 83 -19.14 14.23 -8.28
N TYR A 84 -20.02 15.20 -8.03
CA TYR A 84 -19.59 16.43 -7.34
C TYR A 84 -19.47 16.15 -5.85
N PHE A 85 -18.37 16.60 -5.25
CA PHE A 85 -18.05 16.34 -3.84
C PHE A 85 -18.03 17.58 -2.95
N ASN A 86 -17.67 18.71 -3.55
CA ASN A 86 -17.32 19.93 -2.82
C ASN A 86 -18.39 21.02 -3.00
N SER A 87 -18.72 21.72 -1.91
CA SER A 87 -19.77 22.75 -1.96
C SER A 87 -19.41 23.96 -2.83
N ILE A 88 -18.12 24.15 -3.07
CA ILE A 88 -17.64 25.19 -3.99
C ILE A 88 -18.17 24.93 -5.41
N SER A 89 -18.61 23.71 -5.65
CA SER A 89 -19.15 23.31 -6.95
C SER A 89 -20.63 23.65 -7.13
N LEU A 90 -21.33 23.93 -6.03
CA LEU A 90 -22.69 24.42 -6.14
C LEU A 90 -22.63 25.81 -6.79
N ASN A 91 -23.48 26.04 -7.78
N ASN A 91 -23.49 26.03 -7.78
CA ASN A 91 -23.58 27.35 -8.45
CA ASN A 91 -23.59 27.31 -8.49
C ASN A 91 -22.23 27.83 -9.02
C ASN A 91 -22.27 27.82 -9.06
N ASN A 92 -21.51 26.92 -9.67
CA ASN A 92 -20.23 27.25 -10.32
C ASN A 92 -20.23 26.70 -11.74
N GLU A 93 -20.79 27.48 -12.67
CA GLU A 93 -20.82 27.06 -14.07
C GLU A 93 -19.43 27.19 -14.73
N TYR A 94 -18.95 26.11 -15.33
CA TYR A 94 -17.63 26.13 -15.99
C TYR A 94 -17.71 25.60 -17.41
N THR A 95 -17.04 26.29 -18.33
CA THR A 95 -16.98 25.89 -19.73
C THR A 95 -16.05 24.67 -19.87
N ILE A 96 -16.43 23.73 -20.74
CA ILE A 96 -15.58 22.58 -21.07
C ILE A 96 -15.19 22.51 -22.55
N ILE A 97 -16.10 22.93 -23.42
CA ILE A 97 -15.87 22.96 -24.85
C ILE A 97 -16.30 24.36 -25.37
N ASN A 98 -15.31 25.18 -25.74
CA ASN A 98 -15.47 26.61 -25.99
C ASN A 98 -15.23 26.99 -27.45
N CYS A 99 -16.28 27.46 -28.13
CA CYS A 99 -16.16 28.05 -29.46
C CYS A 99 -16.78 29.47 -29.44
N MET A 100 -16.45 30.23 -28.39
CA MET A 100 -16.90 31.62 -28.24
C MET A 100 -15.75 32.56 -28.53
N GLU A 101 -16.03 33.60 -29.31
CA GLU A 101 -15.10 34.71 -29.52
C GLU A 101 -15.85 36.03 -29.59
N ASN A 102 -15.29 37.06 -28.96
CA ASN A 102 -15.90 38.40 -28.95
C ASN A 102 -17.38 38.36 -28.53
N ASN A 103 -17.68 37.53 -27.53
CA ASN A 103 -19.04 37.34 -27.02
C ASN A 103 -20.05 36.80 -28.06
N SER A 104 -19.59 35.96 -28.98
CA SER A 104 -20.49 35.25 -29.90
C SER A 104 -20.01 33.81 -30.20
N GLY A 105 -20.95 32.93 -30.54
CA GLY A 105 -20.63 31.55 -30.89
C GLY A 105 -21.35 30.52 -30.03
N TRP A 106 -20.68 29.41 -29.74
CA TRP A 106 -21.28 28.35 -28.93
C TRP A 106 -20.31 27.78 -27.91
N LYS A 107 -20.86 27.13 -26.88
CA LYS A 107 -20.07 26.48 -25.85
C LYS A 107 -20.84 25.41 -25.10
N VAL A 108 -20.10 24.40 -24.65
CA VAL A 108 -20.61 23.41 -23.71
C VAL A 108 -20.02 23.72 -22.34
N SER A 109 -20.88 23.87 -21.36
CA SER A 109 -20.44 24.07 -20.01
C SER A 109 -21.12 23.10 -19.05
N LEU A 110 -20.58 23.00 -17.85
CA LEU A 110 -21.13 22.15 -16.81
C LEU A 110 -21.38 22.96 -15.55
N ASN A 111 -22.24 22.42 -14.69
CA ASN A 111 -22.44 22.93 -13.35
C ASN A 111 -22.83 21.73 -12.48
N TYR A 112 -22.94 21.94 -11.17
CA TYR A 112 -23.45 20.91 -10.28
C TYR A 112 -24.73 20.25 -10.88
N GLY A 113 -24.66 18.96 -11.22
CA GLY A 113 -25.79 18.22 -11.79
C GLY A 113 -26.37 18.76 -13.10
N GLU A 114 -25.50 19.30 -13.95
CA GLU A 114 -25.95 19.96 -15.19
C GLU A 114 -24.97 19.81 -16.34
N ILE A 115 -25.52 19.62 -17.53
CA ILE A 115 -24.81 19.81 -18.78
C ILE A 115 -25.54 20.97 -19.55
N ILE A 116 -24.78 21.98 -19.96
CA ILE A 116 -25.37 23.23 -20.51
C ILE A 116 -24.87 23.56 -21.91
N TRP A 117 -25.82 23.84 -22.80
CA TRP A 117 -25.49 24.29 -24.15
C TRP A 117 -25.83 25.79 -24.25
N THR A 118 -24.89 26.61 -24.68
CA THR A 118 -25.12 28.07 -24.79
C THR A 118 -24.82 28.60 -26.18
N LEU A 119 -25.79 29.28 -26.79
CA LEU A 119 -25.56 30.05 -28.03
C LEU A 119 -25.64 31.53 -27.73
N GLN A 120 -24.83 32.32 -28.43
CA GLN A 120 -24.84 33.76 -28.29
C GLN A 120 -24.52 34.45 -29.61
N ASP A 121 -25.38 35.38 -30.00
CA ASP A 121 -25.19 36.11 -31.25
C ASP A 121 -24.33 37.37 -31.07
N THR A 122 -24.11 38.07 -32.17
CA THR A 122 -23.26 39.27 -32.18
C THR A 122 -23.94 40.47 -31.52
N GLN A 123 -25.23 40.34 -31.19
CA GLN A 123 -25.97 41.39 -30.47
C GLN A 123 -26.04 41.09 -28.97
N GLU A 124 -25.21 40.14 -28.52
CA GLU A 124 -25.15 39.76 -27.10
C GLU A 124 -26.37 38.95 -26.63
N ILE A 125 -27.28 38.64 -27.55
CA ILE A 125 -28.45 37.84 -27.20
C ILE A 125 -28.05 36.36 -27.11
N LYS A 126 -28.33 35.75 -25.97
CA LYS A 126 -27.98 34.35 -25.78
C LYS A 126 -29.17 33.48 -25.41
N GLN A 127 -29.00 32.18 -25.61
CA GLN A 127 -29.98 31.18 -25.21
C GLN A 127 -29.26 29.96 -24.69
N ARG A 128 -29.77 29.41 -23.59
CA ARG A 128 -29.21 28.24 -22.94
C ARG A 128 -30.17 27.05 -23.00
N VAL A 129 -29.63 25.86 -23.22
CA VAL A 129 -30.40 24.63 -23.13
C VAL A 129 -29.67 23.72 -22.13
N VAL A 130 -30.42 23.14 -21.18
CA VAL A 130 -29.83 22.53 -19.99
C VAL A 130 -30.37 21.14 -19.70
N PHE A 131 -29.46 20.19 -19.53
CA PHE A 131 -29.81 18.88 -18.96
C PHE A 131 -29.46 18.84 -17.46
N LYS A 132 -30.43 18.44 -16.64
CA LYS A 132 -30.29 18.39 -15.18
C LYS A 132 -30.37 16.93 -14.69
N TYR A 133 -29.48 16.56 -13.78
CA TYR A 133 -29.53 15.27 -13.11
C TYR A 133 -29.29 15.46 -11.63
N SER A 134 -30.03 14.70 -10.82
CA SER A 134 -29.94 14.88 -9.39
C SER A 134 -28.79 14.06 -8.81
N GLN A 135 -28.18 14.55 -7.73
CA GLN A 135 -27.25 13.72 -6.92
C GLN A 135 -27.93 13.09 -5.69
N MET A 136 -29.24 13.38 -5.52
CA MET A 136 -30.04 12.78 -4.44
C MET A 136 -30.95 11.72 -5.06
N ILE A 137 -30.41 10.51 -5.19
CA ILE A 137 -31.01 9.46 -6.00
C ILE A 137 -30.34 8.13 -5.64
N ASN A 138 -31.13 7.05 -5.60
CA ASN A 138 -30.57 5.74 -5.20
C ASN A 138 -29.45 5.27 -6.13
N ILE A 139 -29.79 5.06 -7.40
CA ILE A 139 -28.83 4.68 -8.43
C ILE A 139 -29.10 5.54 -9.66
N SER A 140 -28.12 6.34 -10.05
CA SER A 140 -28.25 7.26 -11.18
C SER A 140 -27.78 6.63 -12.48
N ASP A 141 -28.48 6.95 -13.57
CA ASP A 141 -28.04 6.60 -14.91
C ASP A 141 -26.87 7.45 -15.38
N TYR A 142 -26.65 8.57 -14.68
CA TYR A 142 -25.80 9.66 -15.16
C TYR A 142 -24.54 9.94 -14.35
N ILE A 143 -24.64 9.94 -13.01
CA ILE A 143 -23.49 10.30 -12.16
C ILE A 143 -22.29 9.37 -12.41
N ASN A 144 -21.19 9.93 -12.89
CA ASN A 144 -19.93 9.20 -13.06
C ASN A 144 -19.99 8.04 -14.06
N ARG A 145 -21.00 8.08 -14.93
CA ARG A 145 -21.23 7.04 -15.93
C ARG A 145 -21.19 7.67 -17.31
N TRP A 146 -20.65 6.95 -18.30
CA TRP A 146 -20.63 7.47 -19.66
C TRP A 146 -22.04 7.84 -20.15
N ILE A 147 -22.14 9.08 -20.64
CA ILE A 147 -23.38 9.67 -21.19
C ILE A 147 -23.14 10.07 -22.66
N PHE A 148 -24.08 9.73 -23.55
CA PHE A 148 -24.02 10.19 -24.94
C PHE A 148 -24.84 11.50 -25.07
N VAL A 149 -24.15 12.55 -25.46
CA VAL A 149 -24.77 13.87 -25.59
C VAL A 149 -24.88 14.22 -27.07
N THR A 150 -26.07 14.64 -27.49
CA THR A 150 -26.24 15.21 -28.82
C THR A 150 -27.00 16.54 -28.72
N ILE A 151 -26.49 17.55 -29.41
CA ILE A 151 -27.11 18.87 -29.38
C ILE A 151 -27.31 19.34 -30.80
N THR A 152 -28.52 19.77 -31.10
CA THR A 152 -28.85 20.17 -32.46
C THR A 152 -29.41 21.58 -32.45
N ASN A 153 -29.24 22.27 -33.56
CA ASN A 153 -29.62 23.66 -33.65
C ASN A 153 -30.28 23.88 -34.98
N ASN A 154 -31.57 24.21 -34.94
CA ASN A 154 -32.31 24.70 -36.09
C ASN A 154 -32.56 26.19 -35.94
N ARG A 155 -31.97 26.98 -36.84
CA ARG A 155 -31.91 28.42 -36.69
C ARG A 155 -33.27 29.09 -36.84
N LEU A 156 -34.19 28.42 -37.53
CA LEU A 156 -35.55 28.93 -37.68
C LEU A 156 -36.43 28.69 -36.44
N ASN A 157 -36.12 27.66 -35.66
CA ASN A 157 -36.91 27.41 -34.45
C ASN A 157 -36.13 27.10 -33.18
N ASN A 158 -35.64 25.87 -33.04
CA ASN A 158 -35.17 25.37 -31.74
C ASN A 158 -33.77 24.77 -31.69
N SER A 159 -33.18 24.86 -30.49
CA SER A 159 -32.01 24.08 -30.13
C SER A 159 -32.46 22.96 -29.17
N LYS A 160 -31.92 21.75 -29.38
CA LYS A 160 -32.34 20.57 -28.63
C LYS A 160 -31.16 19.89 -27.97
N ILE A 161 -31.33 19.43 -26.74
CA ILE A 161 -30.33 18.54 -26.15
C ILE A 161 -30.88 17.13 -25.94
N TYR A 162 -30.18 16.16 -26.50
CA TYR A 162 -30.53 14.74 -26.37
C TYR A 162 -29.52 14.06 -25.44
N ILE A 163 -30.02 13.14 -24.59
CA ILE A 163 -29.17 12.40 -23.68
C ILE A 163 -29.43 10.89 -23.91
N ASN A 164 -28.39 10.14 -24.24
CA ASN A 164 -28.52 8.73 -24.56
C ASN A 164 -29.61 8.48 -25.61
N GLY A 165 -29.69 9.39 -26.59
CA GLY A 165 -30.59 9.22 -27.72
C GLY A 165 -32.02 9.71 -27.50
N ARG A 166 -32.32 10.17 -26.28
CA ARG A 166 -33.68 10.70 -25.98
C ARG A 166 -33.63 12.21 -25.82
N LEU A 167 -34.63 12.89 -26.38
CA LEU A 167 -34.75 14.34 -26.23
C LEU A 167 -35.08 14.71 -24.78
N ILE A 168 -34.28 15.58 -24.18
CA ILE A 168 -34.49 15.99 -22.81
C ILE A 168 -34.93 17.44 -22.66
N ASP A 169 -34.23 18.35 -23.34
CA ASP A 169 -34.61 19.75 -23.30
C ASP A 169 -34.56 20.38 -24.69
N GLN A 170 -35.33 21.44 -24.84
CA GLN A 170 -35.24 22.29 -26.00
C GLN A 170 -35.68 23.71 -25.67
N LYS A 171 -35.25 24.66 -26.50
CA LYS A 171 -35.57 26.07 -26.31
C LYS A 171 -35.60 26.73 -27.69
N PRO A 172 -36.49 27.72 -27.88
CA PRO A 172 -36.49 28.48 -29.14
C PRO A 172 -35.21 29.30 -29.30
N ILE A 173 -34.64 29.32 -30.50
CA ILE A 173 -33.44 30.12 -30.74
C ILE A 173 -33.64 31.16 -31.85
N SER A 174 -34.86 31.23 -32.40
CA SER A 174 -35.12 32.09 -33.55
C SER A 174 -35.05 33.60 -33.24
N ASN A 175 -34.89 33.94 -31.97
N ASN A 175 -34.91 33.94 -31.96
CA ASN A 175 -34.67 35.34 -31.59
CA ASN A 175 -34.68 35.31 -31.54
C ASN A 175 -33.20 35.73 -31.66
C ASN A 175 -33.20 35.72 -31.65
N LEU A 176 -32.33 34.74 -31.86
CA LEU A 176 -30.89 34.98 -32.05
C LEU A 176 -30.57 35.40 -33.48
N GLY A 177 -29.74 36.42 -33.64
CA GLY A 177 -29.36 36.91 -34.96
C GLY A 177 -28.16 36.18 -35.51
N ASN A 178 -27.27 36.92 -36.19
CA ASN A 178 -26.01 36.37 -36.71
C ASN A 178 -25.11 35.82 -35.60
N ILE A 179 -24.78 34.53 -35.71
CA ILE A 179 -23.83 33.86 -34.79
C ILE A 179 -22.45 33.73 -35.44
N HIS A 180 -21.46 34.40 -34.87
CA HIS A 180 -20.09 34.38 -35.37
C HIS A 180 -19.23 33.62 -34.35
N ALA A 181 -19.07 32.32 -34.59
CA ALA A 181 -18.30 31.45 -33.67
C ALA A 181 -16.79 31.65 -33.83
N SER A 182 -16.03 30.98 -32.97
CA SER A 182 -14.57 31.12 -32.92
C SER A 182 -13.87 30.36 -34.06
N ASN A 183 -12.65 30.80 -34.39
CA ASN A 183 -11.78 30.09 -35.33
C ASN A 183 -11.31 28.73 -34.81
N ASN A 184 -11.31 28.58 -33.49
CA ASN A 184 -10.90 27.32 -32.87
C ASN A 184 -11.80 26.86 -31.72
N ILE A 185 -11.67 25.60 -31.37
CA ILE A 185 -12.47 25.00 -30.32
C ILE A 185 -11.51 24.62 -29.20
N MET A 186 -11.79 25.11 -27.99
CA MET A 186 -10.96 24.80 -26.85
C MET A 186 -11.66 23.82 -25.92
N PHE A 187 -11.11 22.61 -25.84
CA PHE A 187 -11.61 21.60 -24.90
C PHE A 187 -10.78 21.75 -23.64
N LYS A 188 -11.39 22.28 -22.59
CA LYS A 188 -10.64 22.65 -21.39
C LYS A 188 -11.61 23.10 -20.32
N LEU A 189 -11.25 22.82 -19.07
CA LEU A 189 -12.01 23.30 -17.94
C LEU A 189 -11.70 24.78 -17.70
N ASP A 190 -12.73 25.61 -17.81
CA ASP A 190 -12.55 27.05 -17.79
C ASP A 190 -13.49 27.69 -16.78
N GLY A 191 -12.94 28.23 -15.70
CA GLY A 191 -13.74 28.85 -14.64
C GLY A 191 -14.16 27.90 -13.52
N CYS A 192 -13.61 26.70 -13.51
CA CYS A 192 -13.96 25.73 -12.48
C CYS A 192 -13.17 26.01 -11.21
N ARG A 193 -13.89 26.17 -10.09
CA ARG A 193 -13.29 26.52 -8.80
C ARG A 193 -12.90 25.30 -7.95
N ASP A 194 -13.36 24.12 -8.38
CA ASP A 194 -12.97 22.87 -7.74
C ASP A 194 -11.67 22.35 -8.34
N THR A 195 -10.59 22.52 -7.58
CA THR A 195 -9.22 22.15 -7.98
C THR A 195 -9.07 20.71 -8.51
N HIS A 196 -9.87 19.80 -7.98
CA HIS A 196 -9.72 18.38 -8.27
C HIS A 196 -10.72 17.87 -9.32
N ARG A 197 -11.44 18.79 -9.96
CA ARG A 197 -12.45 18.43 -10.96
C ARG A 197 -11.80 17.88 -12.22
N TYR A 198 -12.46 16.92 -12.88
CA TYR A 198 -12.01 16.50 -14.20
C TYR A 198 -13.19 16.01 -14.98
N ILE A 199 -12.96 15.72 -16.26
CA ILE A 199 -13.95 15.04 -17.09
C ILE A 199 -13.25 14.02 -17.98
N TRP A 200 -14.01 13.00 -18.38
CA TRP A 200 -13.61 12.13 -19.49
C TRP A 200 -14.49 12.48 -20.64
N ILE A 201 -13.91 12.51 -21.83
CA ILE A 201 -14.70 12.66 -23.05
C ILE A 201 -14.25 11.74 -24.16
N LYS A 202 -15.16 11.49 -25.09
CA LYS A 202 -14.90 10.57 -26.16
C LYS A 202 -15.74 10.89 -27.41
N TYR A 203 -15.13 10.67 -28.57
CA TYR A 203 -15.82 10.68 -29.88
C TYR A 203 -16.52 12.02 -30.16
N PHE A 204 -15.79 13.12 -30.11
CA PHE A 204 -16.40 14.43 -30.45
C PHE A 204 -16.62 14.56 -31.95
N ASN A 205 -17.81 15.03 -32.32
CA ASN A 205 -18.16 15.29 -33.73
C ASN A 205 -18.95 16.56 -33.90
N LEU A 206 -18.76 17.18 -35.07
CA LEU A 206 -19.47 18.40 -35.43
C LEU A 206 -20.12 18.15 -36.78
N PHE A 207 -21.42 18.44 -36.90
CA PHE A 207 -22.16 18.24 -38.15
C PHE A 207 -22.78 19.56 -38.64
N ASP A 208 -22.79 19.78 -39.95
CA ASP A 208 -23.42 20.99 -40.50
C ASP A 208 -24.89 20.79 -40.91
N LYS A 209 -25.67 20.21 -40.00
CA LYS A 209 -27.12 20.11 -40.14
C LYS A 209 -27.71 19.85 -38.76
N GLU A 210 -29.02 20.06 -38.63
CA GLU A 210 -29.76 19.57 -37.48
C GLU A 210 -29.94 18.07 -37.68
N LEU A 211 -29.30 17.27 -36.83
CA LEU A 211 -29.51 15.81 -36.87
C LEU A 211 -30.96 15.45 -36.49
N ASN A 212 -31.57 14.53 -37.23
CA ASN A 212 -32.91 14.04 -36.88
C ASN A 212 -32.84 12.88 -35.87
N GLU A 213 -34.00 12.48 -35.33
CA GLU A 213 -34.09 11.43 -34.29
C GLU A 213 -33.42 10.12 -34.68
N LYS A 214 -33.65 9.67 -35.92
CA LYS A 214 -33.12 8.40 -36.38
C LYS A 214 -31.59 8.43 -36.47
N GLU A 215 -31.06 9.49 -37.09
CA GLU A 215 -29.61 9.71 -37.13
C GLU A 215 -29.01 9.71 -35.72
N ILE A 216 -29.73 10.31 -34.77
CA ILE A 216 -29.26 10.33 -33.38
C ILE A 216 -29.26 8.94 -32.75
N LYS A 217 -30.33 8.19 -32.97
CA LYS A 217 -30.41 6.81 -32.50
C LYS A 217 -29.30 5.94 -33.12
N ASP A 218 -29.10 6.07 -34.43
CA ASP A 218 -28.06 5.32 -35.12
C ASP A 218 -26.68 5.64 -34.58
N LEU A 219 -26.43 6.93 -34.37
CA LEU A 219 -25.16 7.42 -33.84
C LEU A 219 -24.88 6.83 -32.45
N TYR A 220 -25.93 6.78 -31.62
CA TYR A 220 -25.86 6.24 -30.25
C TYR A 220 -25.54 4.73 -30.25
N ASP A 221 -26.25 3.99 -31.10
CA ASP A 221 -26.08 2.54 -31.23
C ASP A 221 -24.72 2.14 -31.82
N ASN A 222 -24.28 2.85 -32.86
CA ASN A 222 -22.98 2.59 -33.48
C ASN A 222 -21.81 2.81 -32.54
N GLN A 223 -21.87 3.92 -31.79
CA GLN A 223 -20.76 4.29 -30.92
C GLN A 223 -20.82 3.59 -29.56
N SER A 224 -21.83 2.75 -29.36
N SER A 224 -21.84 2.76 -29.35
CA SER A 224 -22.00 2.04 -28.09
CA SER A 224 -22.00 2.03 -28.09
C SER A 224 -21.02 0.87 -27.97
C SER A 224 -21.00 0.88 -27.97
N ASN A 225 -20.46 0.44 -29.10
CA ASN A 225 -19.48 -0.69 -29.16
C ASN A 225 -20.09 -2.04 -28.69
N SER A 226 -21.18 -2.44 -29.34
CA SER A 226 -22.02 -3.54 -28.86
C SER A 226 -21.37 -4.92 -28.80
N GLY A 227 -20.23 -5.10 -29.48
CA GLY A 227 -19.48 -6.36 -29.41
C GLY A 227 -18.72 -6.52 -28.09
N ILE A 228 -18.49 -5.42 -27.39
CA ILE A 228 -17.69 -5.46 -26.17
C ILE A 228 -18.55 -5.20 -24.92
N LEU A 229 -18.38 -6.05 -23.90
CA LEU A 229 -19.08 -5.84 -22.64
C LEU A 229 -18.49 -4.69 -21.86
N LYS A 230 -19.34 -4.00 -21.09
CA LYS A 230 -18.94 -2.84 -20.31
C LYS A 230 -19.25 -3.03 -18.84
N ASP A 231 -18.56 -2.27 -18.01
CA ASP A 231 -18.87 -2.22 -16.61
C ASP A 231 -19.96 -1.18 -16.35
N PHE A 232 -20.38 -1.12 -15.08
CA PHE A 232 -21.40 -0.19 -14.61
C PHE A 232 -21.18 1.26 -15.09
N TRP A 233 -19.91 1.70 -15.09
CA TRP A 233 -19.58 3.10 -15.40
C TRP A 233 -19.64 3.32 -16.91
N GLY A 234 -19.62 2.24 -17.68
CA GLY A 234 -19.65 2.29 -19.12
C GLY A 234 -18.31 2.02 -19.77
N ASP A 235 -17.25 1.82 -18.96
CA ASP A 235 -15.92 1.40 -19.49
C ASP A 235 -15.89 -0.06 -19.94
N TYR A 236 -14.87 -0.45 -20.69
CA TYR A 236 -14.73 -1.83 -21.17
C TYR A 236 -14.65 -2.79 -19.98
N LEU A 237 -15.44 -3.85 -20.01
CA LEU A 237 -15.31 -4.90 -19.01
C LEU A 237 -13.95 -5.57 -19.21
N GLN A 238 -13.25 -5.87 -18.13
CA GLN A 238 -11.89 -6.37 -18.24
C GLN A 238 -11.65 -7.64 -17.40
N TYR A 239 -10.67 -8.43 -17.81
CA TYR A 239 -10.17 -9.56 -17.02
C TYR A 239 -9.32 -9.04 -15.87
N ASP A 240 -9.24 -9.82 -14.80
CA ASP A 240 -8.33 -9.56 -13.67
C ASP A 240 -8.57 -8.23 -12.94
N LYS A 241 -9.84 -7.84 -12.85
CA LYS A 241 -10.22 -6.62 -12.22
C LYS A 241 -11.42 -6.87 -11.30
N PRO A 242 -11.26 -6.58 -9.99
CA PRO A 242 -12.36 -6.81 -9.03
C PRO A 242 -13.56 -5.91 -9.27
N TYR A 243 -14.75 -6.53 -9.25
CA TYR A 243 -16.01 -5.89 -9.48
C TYR A 243 -16.99 -6.23 -8.35
N TYR A 244 -17.57 -5.22 -7.75
CA TYR A 244 -18.78 -5.47 -6.96
C TYR A 244 -19.95 -5.77 -7.90
N MET A 245 -20.94 -6.49 -7.40
CA MET A 245 -22.01 -6.98 -8.27
C MET A 245 -23.36 -6.36 -7.96
N LEU A 246 -24.12 -6.11 -9.02
CA LEU A 246 -25.45 -5.55 -8.92
C LEU A 246 -26.40 -6.41 -9.73
N ASN A 247 -27.45 -6.90 -9.09
CA ASN A 247 -28.46 -7.67 -9.76
C ASN A 247 -29.65 -6.79 -10.12
N LEU A 248 -30.06 -6.84 -11.37
CA LEU A 248 -31.07 -5.87 -11.88
C LEU A 248 -32.50 -6.15 -11.44
N TYR A 249 -32.76 -7.33 -10.88
CA TYR A 249 -34.10 -7.61 -10.36
C TYR A 249 -34.33 -6.90 -9.02
N ASP A 250 -33.32 -6.93 -8.16
CA ASP A 250 -33.39 -6.16 -6.92
C ASP A 250 -32.07 -5.44 -6.69
N PRO A 251 -31.96 -4.22 -7.25
CA PRO A 251 -30.72 -3.47 -7.14
C PRO A 251 -30.42 -3.09 -5.70
N ASN A 252 -31.38 -3.31 -4.80
CA ASN A 252 -31.21 -3.01 -3.37
C ASN A 252 -30.61 -4.18 -2.54
N LYS A 253 -30.05 -5.18 -3.22
CA LYS A 253 -29.31 -6.26 -2.58
C LYS A 253 -27.87 -6.34 -3.11
N TYR A 254 -27.00 -7.03 -2.36
CA TYR A 254 -25.63 -7.29 -2.80
C TYR A 254 -25.29 -8.77 -2.56
N VAL A 255 -24.23 -9.25 -3.20
CA VAL A 255 -23.82 -10.63 -3.11
C VAL A 255 -23.01 -10.89 -1.84
N ASP A 256 -23.34 -11.97 -1.15
CA ASP A 256 -22.61 -12.36 0.04
C ASP A 256 -22.35 -13.86 0.00
N VAL A 257 -21.34 -14.29 0.75
CA VAL A 257 -21.00 -15.71 0.86
C VAL A 257 -21.24 -16.09 2.30
N ASN A 258 -22.04 -17.13 2.50
CA ASN A 258 -22.40 -17.57 3.84
C ASN A 258 -21.28 -18.44 4.47
N ASN A 259 -20.68 -19.29 3.64
CA ASN A 259 -19.49 -20.03 3.96
C ASN A 259 -18.82 -20.37 2.65
N VAL A 260 -17.50 -20.51 2.68
CA VAL A 260 -16.74 -20.98 1.54
C VAL A 260 -16.83 -22.50 1.47
N GLY A 261 -16.67 -23.04 0.25
CA GLY A 261 -16.63 -24.47 0.02
C GLY A 261 -17.93 -24.99 -0.57
N ILE A 262 -17.93 -26.27 -0.93
CA ILE A 262 -19.06 -26.89 -1.66
C ILE A 262 -20.34 -27.04 -0.81
N ARG A 263 -20.22 -26.91 0.50
CA ARG A 263 -21.37 -26.97 1.39
CA ARG A 263 -21.42 -26.94 1.30
C ARG A 263 -21.96 -25.59 1.65
N GLY A 264 -21.29 -24.56 1.14
CA GLY A 264 -21.69 -23.20 1.38
C GLY A 264 -22.40 -22.68 0.14
N TYR A 265 -22.81 -21.42 0.19
CA TYR A 265 -23.54 -20.85 -0.92
C TYR A 265 -23.37 -19.35 -0.94
N MET A 266 -23.65 -18.77 -2.09
CA MET A 266 -23.70 -17.35 -2.24
C MET A 266 -25.16 -16.92 -2.29
N TYR A 267 -25.40 -15.67 -1.90
CA TYR A 267 -26.76 -15.19 -1.84
C TYR A 267 -26.87 -13.68 -1.93
N LEU A 268 -28.09 -13.20 -2.12
CA LEU A 268 -28.34 -11.77 -2.18
C LEU A 268 -28.89 -11.32 -0.84
N LYS A 269 -28.28 -10.27 -0.31
CA LYS A 269 -28.54 -9.81 1.03
C LYS A 269 -28.74 -8.30 0.93
N GLY A 270 -29.73 -7.78 1.64
CA GLY A 270 -29.95 -6.33 1.66
C GLY A 270 -30.53 -5.80 2.96
N PRO A 271 -30.82 -4.49 3.01
CA PRO A 271 -30.65 -3.49 1.94
C PRO A 271 -29.19 -3.03 1.79
N ARG A 272 -28.89 -2.38 0.67
CA ARG A 272 -27.53 -1.90 0.37
C ARG A 272 -27.12 -0.75 1.29
N GLY A 273 -28.08 0.06 1.71
CA GLY A 273 -27.76 1.25 2.47
C GLY A 273 -27.24 2.35 1.57
N SER A 274 -26.65 3.37 2.19
CA SER A 274 -26.43 4.65 1.51
C SER A 274 -25.03 5.21 1.73
N VAL A 275 -24.62 6.05 0.80
CA VAL A 275 -23.41 6.82 0.94
C VAL A 275 -23.82 8.28 0.71
N MET A 276 -23.25 9.18 1.49
CA MET A 276 -23.67 10.59 1.43
C MET A 276 -22.58 11.58 1.80
N THR A 277 -22.72 12.78 1.24
CA THR A 277 -22.11 13.99 1.73
C THR A 277 -23.22 15.04 1.96
N THR A 278 -23.25 15.57 3.18
CA THR A 278 -24.20 16.59 3.60
C THR A 278 -24.42 17.65 2.51
N ASN A 279 -25.69 17.81 2.11
CA ASN A 279 -26.09 18.78 1.09
C ASN A 279 -25.53 18.61 -0.34
N ILE A 280 -24.82 17.52 -0.60
CA ILE A 280 -24.13 17.35 -1.88
C ILE A 280 -24.60 16.10 -2.66
N TYR A 281 -24.62 14.95 -1.99
CA TYR A 281 -25.19 13.75 -2.59
C TYR A 281 -25.69 12.75 -1.54
N LEU A 282 -26.63 11.90 -1.97
CA LEU A 282 -27.13 10.81 -1.17
C LEU A 282 -27.56 9.71 -2.15
N ASN A 283 -26.79 8.62 -2.15
CA ASN A 283 -26.92 7.53 -3.12
C ASN A 283 -26.89 6.18 -2.42
N SER A 284 -27.39 5.16 -3.11
CA SER A 284 -27.21 3.78 -2.68
C SER A 284 -25.71 3.46 -2.69
N SER A 285 -25.26 2.80 -1.63
CA SER A 285 -23.89 2.33 -1.52
C SER A 285 -23.63 1.28 -2.58
N LEU A 286 -22.50 1.41 -3.30
CA LEU A 286 -22.16 0.50 -4.37
C LEU A 286 -21.05 -0.50 -4.04
N TYR A 287 -20.25 -0.21 -3.02
CA TYR A 287 -19.06 -1.02 -2.74
C TYR A 287 -19.28 -2.06 -1.64
N ARG A 288 -20.26 -2.91 -1.88
CA ARG A 288 -20.74 -3.87 -0.91
C ARG A 288 -20.69 -5.32 -1.42
N GLY A 289 -20.26 -6.21 -0.53
CA GLY A 289 -20.37 -7.63 -0.76
C GLY A 289 -19.17 -8.19 -1.44
N ALA A 290 -19.25 -9.46 -1.79
CA ALA A 290 -18.15 -10.13 -2.44
C ALA A 290 -17.91 -9.54 -3.82
N LYS A 291 -16.64 -9.54 -4.24
CA LYS A 291 -16.27 -9.09 -5.56
C LYS A 291 -16.05 -10.28 -6.47
N PHE A 292 -16.37 -10.09 -7.75
CA PHE A 292 -16.08 -11.06 -8.80
C PHE A 292 -14.86 -10.57 -9.60
N ILE A 293 -13.96 -11.50 -9.90
CA ILE A 293 -12.89 -11.26 -10.85
C ILE A 293 -13.10 -12.20 -12.04
N ILE A 294 -13.20 -11.62 -13.23
CA ILE A 294 -13.29 -12.39 -14.47
C ILE A 294 -11.90 -12.90 -14.90
N LYS A 295 -11.79 -14.21 -15.16
CA LYS A 295 -10.50 -14.85 -15.50
C LYS A 295 -10.53 -15.41 -16.91
N LYS A 296 -9.41 -15.27 -17.61
CA LYS A 296 -9.28 -15.80 -18.97
C LYS A 296 -9.39 -17.31 -18.98
N TYR A 297 -10.16 -17.82 -19.95
CA TYR A 297 -10.15 -19.25 -20.26
C TYR A 297 -9.90 -19.44 -21.76
N ALA A 298 -10.93 -19.22 -22.57
CA ALA A 298 -10.85 -19.43 -24.03
C ALA A 298 -10.44 -18.16 -24.78
N ASN A 301 -7.72 -13.62 -27.84
CA ASN A 301 -7.31 -12.22 -27.77
C ASN A 301 -6.28 -11.98 -26.69
N LYS A 302 -5.19 -11.34 -27.07
CA LYS A 302 -4.11 -11.06 -26.13
C LYS A 302 -4.44 -9.89 -25.19
N ASP A 303 -5.37 -9.02 -25.59
CA ASP A 303 -5.74 -7.89 -24.75
C ASP A 303 -6.63 -8.31 -23.58
N ASN A 304 -7.09 -7.32 -22.83
CA ASN A 304 -7.66 -7.58 -21.54
C ASN A 304 -9.18 -7.35 -21.49
N ILE A 305 -9.78 -7.22 -22.66
CA ILE A 305 -11.17 -6.79 -22.76
C ILE A 305 -12.08 -8.01 -22.86
N VAL A 306 -13.20 -7.96 -22.12
CA VAL A 306 -14.16 -9.07 -22.17
C VAL A 306 -15.18 -8.79 -23.26
N ARG A 307 -15.32 -9.75 -24.18
CA ARG A 307 -16.22 -9.61 -25.31
C ARG A 307 -17.43 -10.52 -25.18
N ASN A 308 -18.48 -10.16 -25.89
CA ASN A 308 -19.65 -11.00 -26.00
C ASN A 308 -19.24 -12.42 -26.43
N ASN A 309 -19.80 -13.42 -25.75
CA ASN A 309 -19.49 -14.84 -26.03
C ASN A 309 -18.12 -15.37 -25.57
N ASP A 310 -17.35 -14.53 -24.87
CA ASP A 310 -16.11 -15.01 -24.25
C ASP A 310 -16.42 -16.07 -23.20
N ARG A 311 -15.64 -17.15 -23.19
CA ARG A 311 -15.73 -18.14 -22.14
C ARG A 311 -14.69 -17.88 -21.07
N VAL A 312 -15.15 -17.80 -19.84
CA VAL A 312 -14.32 -17.30 -18.75
C VAL A 312 -14.49 -18.18 -17.50
N TYR A 313 -13.62 -17.97 -16.51
CA TYR A 313 -13.86 -18.37 -15.13
C TYR A 313 -14.18 -17.12 -14.32
N ILE A 314 -14.90 -17.32 -13.21
CA ILE A 314 -15.18 -16.25 -12.26
C ILE A 314 -14.56 -16.60 -10.90
N ASN A 315 -13.63 -15.77 -10.43
CA ASN A 315 -13.17 -15.88 -9.05
C ASN A 315 -14.04 -14.98 -8.17
N VAL A 316 -14.15 -15.34 -6.91
CA VAL A 316 -14.94 -14.60 -5.96
C VAL A 316 -14.05 -14.28 -4.76
N VAL A 317 -14.01 -13.00 -4.39
CA VAL A 317 -13.13 -12.49 -3.36
C VAL A 317 -13.91 -12.42 -2.06
N VAL A 318 -13.51 -13.24 -1.10
CA VAL A 318 -14.14 -13.34 0.22
C VAL A 318 -13.05 -13.08 1.25
N LYS A 319 -13.19 -12.00 2.02
CA LYS A 319 -12.17 -11.56 2.99
C LYS A 319 -10.74 -11.51 2.41
N ASN A 320 -10.59 -10.86 1.25
CA ASN A 320 -9.28 -10.66 0.60
C ASN A 320 -8.56 -11.93 0.12
N LYS A 321 -9.32 -13.01 -0.07
CA LYS A 321 -8.78 -14.21 -0.72
C LYS A 321 -9.68 -14.61 -1.90
N GLU A 322 -9.06 -15.20 -2.94
CA GLU A 322 -9.79 -15.58 -4.14
C GLU A 322 -10.26 -17.02 -4.11
N TYR A 323 -11.51 -17.20 -4.49
CA TYR A 323 -12.13 -18.52 -4.57
C TYR A 323 -12.69 -18.66 -5.96
N ARG A 324 -13.11 -19.88 -6.31
CA ARG A 324 -13.69 -20.11 -7.64
C ARG A 324 -15.20 -20.30 -7.58
N LEU A 325 -15.92 -19.58 -8.44
CA LEU A 325 -17.36 -19.78 -8.58
C LEU A 325 -17.62 -21.09 -9.31
N ALA A 326 -18.46 -21.95 -8.72
CA ALA A 326 -18.73 -23.28 -9.28
C ALA A 326 -20.00 -23.90 -8.70
N THR A 327 -20.49 -24.95 -9.37
CA THR A 327 -21.60 -25.72 -8.88
C THR A 327 -21.48 -27.19 -9.28
N ASN A 328 -22.16 -28.05 -8.54
CA ASN A 328 -22.38 -29.44 -8.96
C ASN A 328 -23.71 -29.54 -9.65
N ALA A 329 -23.68 -29.77 -10.95
CA ALA A 329 -24.89 -29.81 -11.77
C ALA A 329 -25.75 -31.04 -11.52
N SER A 330 -25.21 -32.01 -10.76
CA SER A 330 -25.97 -33.21 -10.40
C SER A 330 -26.97 -32.97 -9.26
N GLN A 331 -26.84 -31.86 -8.53
CA GLN A 331 -27.78 -31.58 -7.43
C GLN A 331 -29.22 -31.61 -7.94
N ALA A 332 -30.15 -32.00 -7.08
CA ALA A 332 -31.57 -32.11 -7.46
C ALA A 332 -32.14 -30.76 -7.89
N GLY A 333 -32.94 -30.77 -8.96
CA GLY A 333 -33.67 -29.58 -9.37
C GLY A 333 -33.00 -28.78 -10.48
N VAL A 334 -33.79 -27.94 -11.15
CA VAL A 334 -33.29 -27.10 -12.25
C VAL A 334 -32.32 -26.04 -11.75
N GLU A 335 -32.56 -25.54 -10.55
CA GLU A 335 -31.75 -24.46 -9.97
C GLU A 335 -30.51 -25.03 -9.28
N LYS A 336 -29.35 -24.74 -9.85
CA LYS A 336 -28.09 -25.25 -9.32
C LYS A 336 -27.44 -24.21 -8.43
N ILE A 337 -27.45 -24.45 -7.12
CA ILE A 337 -26.90 -23.50 -6.16
C ILE A 337 -25.39 -23.39 -6.38
N LEU A 338 -24.90 -22.16 -6.43
CA LEU A 338 -23.51 -21.87 -6.67
C LEU A 338 -22.75 -21.81 -5.37
N SER A 339 -21.47 -22.19 -5.41
CA SER A 339 -20.60 -22.09 -4.26
C SER A 339 -19.33 -21.34 -4.61
N ALA A 340 -18.61 -20.91 -3.57
CA ALA A 340 -17.29 -20.34 -3.74
C ALA A 340 -16.26 -21.34 -3.24
N LEU A 341 -15.49 -21.91 -4.18
CA LEU A 341 -14.61 -23.04 -3.90
C LEU A 341 -13.16 -22.61 -3.76
N GLU A 342 -12.42 -23.30 -2.89
CA GLU A 342 -10.98 -23.16 -2.91
C GLU A 342 -10.51 -23.58 -4.32
N ILE A 343 -9.68 -22.74 -4.94
CA ILE A 343 -9.32 -22.91 -6.36
C ILE A 343 -8.63 -24.25 -6.70
N PRO A 344 -7.69 -24.70 -5.85
CA PRO A 344 -7.11 -26.01 -6.14
C PRO A 344 -8.09 -27.18 -5.90
N ASP A 345 -9.19 -26.88 -5.22
CA ASP A 345 -10.19 -27.90 -4.82
C ASP A 345 -11.35 -28.08 -5.80
N VAL A 346 -11.38 -27.33 -6.90
CA VAL A 346 -12.60 -27.31 -7.76
C VAL A 346 -12.88 -28.62 -8.48
N GLY A 347 -11.83 -29.36 -8.82
CA GLY A 347 -11.98 -30.67 -9.47
C GLY A 347 -12.78 -30.62 -10.76
N ASN A 348 -13.81 -31.46 -10.83
N ASN A 348 -13.80 -31.47 -10.85
CA ASN A 348 -14.64 -31.58 -12.02
CA ASN A 348 -14.62 -31.57 -12.05
C ASN A 348 -15.94 -30.77 -11.98
C ASN A 348 -15.92 -30.74 -12.01
N LEU A 349 -16.07 -29.91 -10.97
CA LEU A 349 -17.24 -29.05 -10.83
C LEU A 349 -17.40 -28.07 -12.00
N SER A 350 -18.65 -27.66 -12.23
CA SER A 350 -18.96 -26.82 -13.37
C SER A 350 -18.62 -25.38 -13.03
N GLN A 351 -17.77 -24.76 -13.85
CA GLN A 351 -17.18 -23.46 -13.56
C GLN A 351 -16.99 -22.55 -14.80
N VAL A 352 -17.10 -23.12 -16.00
CA VAL A 352 -16.93 -22.29 -17.22
C VAL A 352 -18.17 -21.42 -17.47
N VAL A 353 -17.93 -20.12 -17.72
CA VAL A 353 -19.00 -19.13 -17.92
C VAL A 353 -18.91 -18.47 -19.30
N VAL A 354 -20.01 -18.51 -20.06
CA VAL A 354 -20.14 -17.74 -21.29
C VAL A 354 -20.66 -16.32 -20.95
N MET A 355 -19.84 -15.32 -21.19
CA MET A 355 -20.25 -13.92 -20.95
C MET A 355 -21.16 -13.47 -22.09
N LYS A 356 -22.34 -12.94 -21.76
CA LYS A 356 -23.27 -12.44 -22.78
C LYS A 356 -23.84 -11.08 -22.40
N SER A 357 -24.13 -10.25 -23.39
CA SER A 357 -24.81 -8.99 -23.08
C SER A 357 -26.30 -9.18 -23.28
N LYS A 358 -27.08 -8.53 -22.43
CA LYS A 358 -28.50 -8.39 -22.69
C LYS A 358 -28.67 -7.47 -23.92
N ASN A 359 -29.40 -7.94 -24.93
CA ASN A 359 -29.53 -7.23 -26.22
C ASN A 359 -30.42 -5.97 -26.14
N ASP A 360 -29.95 -4.98 -25.39
CA ASP A 360 -30.69 -3.73 -25.16
C ASP A 360 -30.12 -2.56 -25.98
N GLN A 361 -30.85 -1.44 -26.00
CA GLN A 361 -30.33 -0.23 -26.62
C GLN A 361 -29.27 0.38 -25.72
N GLY A 362 -28.23 0.95 -26.33
CA GLY A 362 -27.21 1.70 -25.61
C GLY A 362 -25.99 0.90 -25.23
N ILE A 363 -25.28 1.36 -24.20
CA ILE A 363 -24.05 0.72 -23.72
C ILE A 363 -24.31 -0.72 -23.25
N THR A 364 -23.39 -1.62 -23.61
CA THR A 364 -23.53 -3.07 -23.40
C THR A 364 -23.09 -3.52 -21.99
N ASN A 365 -23.71 -2.94 -20.96
CA ASN A 365 -23.27 -3.19 -19.57
C ASN A 365 -24.28 -3.93 -18.68
N LYS A 366 -25.37 -4.39 -19.28
CA LYS A 366 -26.21 -5.36 -18.59
C LYS A 366 -25.81 -6.72 -19.09
N CYS A 367 -25.19 -7.48 -18.19
CA CYS A 367 -24.45 -8.68 -18.55
C CYS A 367 -25.13 -9.92 -18.00
N LYS A 368 -24.94 -11.02 -18.71
CA LYS A 368 -25.41 -12.30 -18.29
C LYS A 368 -24.23 -13.27 -18.29
N MET A 369 -24.38 -14.34 -17.51
CA MET A 369 -23.30 -15.31 -17.31
C MET A 369 -23.91 -16.72 -17.43
N ASN A 370 -23.65 -17.39 -18.54
CA ASN A 370 -24.22 -18.73 -18.79
C ASN A 370 -23.25 -19.83 -18.35
N LEU A 371 -23.56 -20.46 -17.24
CA LEU A 371 -22.68 -21.49 -16.70
C LEU A 371 -22.72 -22.74 -17.57
N GLN A 372 -21.55 -23.33 -17.81
CA GLN A 372 -21.46 -24.57 -18.55
C GLN A 372 -20.71 -25.68 -17.81
N ASP A 373 -21.00 -26.95 -18.14
CA ASP A 373 -20.21 -28.07 -17.61
C ASP A 373 -18.92 -28.23 -18.43
N ASN A 374 -18.06 -29.16 -18.01
CA ASN A 374 -16.75 -29.31 -18.67
C ASN A 374 -16.82 -29.94 -20.05
N ASN A 375 -18.01 -30.39 -20.44
CA ASN A 375 -18.25 -30.79 -21.82
C ASN A 375 -18.89 -29.69 -22.69
N GLY A 376 -19.08 -28.50 -22.10
CA GLY A 376 -19.62 -27.35 -22.82
C GLY A 376 -21.15 -27.28 -22.87
N ASN A 377 -21.82 -28.15 -22.11
CA ASN A 377 -23.29 -28.13 -22.03
C ASN A 377 -23.78 -27.04 -21.11
N ASP A 378 -24.85 -26.36 -21.51
CA ASP A 378 -25.44 -25.28 -20.70
C ASP A 378 -26.05 -25.81 -19.42
N ILE A 379 -25.63 -25.24 -18.30
CA ILE A 379 -26.31 -25.46 -17.03
C ILE A 379 -27.29 -24.32 -16.80
N GLY A 380 -26.93 -23.11 -17.23
CA GLY A 380 -27.88 -21.99 -17.27
C GLY A 380 -27.32 -20.65 -16.83
N PHE A 381 -28.08 -19.59 -17.12
CA PHE A 381 -27.69 -18.25 -16.69
C PHE A 381 -27.66 -18.16 -15.17
N ILE A 382 -26.75 -17.33 -14.68
CA ILE A 382 -26.63 -17.13 -13.25
C ILE A 382 -27.63 -16.07 -12.80
N GLY A 383 -28.50 -16.49 -11.88
CA GLY A 383 -29.43 -15.58 -11.26
C GLY A 383 -29.56 -15.97 -9.79
N PHE A 384 -30.79 -15.98 -9.30
CA PHE A 384 -31.04 -16.36 -7.91
C PHE A 384 -32.37 -17.06 -7.78
N HIS A 385 -32.56 -17.75 -6.67
CA HIS A 385 -33.80 -18.45 -6.38
C HIS A 385 -34.00 -18.46 -4.87
N GLN A 386 -35.26 -18.33 -4.44
CA GLN A 386 -35.63 -18.39 -3.03
C GLN A 386 -35.60 -19.84 -2.52
N PHE A 387 -34.78 -20.08 -1.50
CA PHE A 387 -34.83 -21.33 -0.75
C PHE A 387 -35.04 -20.97 0.72
N ASN A 388 -36.20 -21.33 1.27
CA ASN A 388 -36.56 -20.95 2.63
C ASN A 388 -36.31 -19.47 2.92
N ASN A 389 -36.83 -18.60 2.06
CA ASN A 389 -36.65 -17.15 2.20
C ASN A 389 -35.21 -16.65 2.04
N ILE A 390 -34.29 -17.54 1.64
CA ILE A 390 -32.93 -17.10 1.27
C ILE A 390 -32.75 -17.06 -0.25
N ALA A 391 -32.38 -15.89 -0.76
CA ALA A 391 -32.13 -15.69 -2.20
C ALA A 391 -30.72 -16.16 -2.60
N LYS A 392 -30.57 -17.47 -2.80
CA LYS A 392 -29.28 -18.06 -3.12
C LYS A 392 -28.98 -17.85 -4.59
N LEU A 393 -27.71 -17.60 -4.92
CA LEU A 393 -27.31 -17.56 -6.31
C LEU A 393 -27.44 -18.95 -6.92
N VAL A 394 -27.95 -19.00 -8.15
CA VAL A 394 -28.14 -20.25 -8.88
C VAL A 394 -27.76 -20.10 -10.34
N ALA A 395 -27.43 -21.21 -11.00
CA ALA A 395 -27.50 -21.29 -12.45
C ALA A 395 -28.76 -22.06 -12.78
N SER A 396 -29.54 -21.53 -13.72
CA SER A 396 -30.79 -22.13 -14.05
C SER A 396 -31.10 -22.03 -15.53
N ASN A 397 -31.42 -23.16 -16.15
CA ASN A 397 -31.78 -23.15 -17.55
C ASN A 397 -33.17 -22.61 -17.83
N TRP A 398 -33.97 -22.43 -16.77
CA TRP A 398 -35.26 -21.71 -16.86
C TRP A 398 -35.07 -20.30 -17.43
N TYR A 399 -34.01 -19.61 -17.01
CA TYR A 399 -33.66 -18.31 -17.55
C TYR A 399 -33.43 -18.36 -19.07
N ASN A 400 -32.75 -19.41 -19.56
CA ASN A 400 -32.37 -19.51 -20.96
C ASN A 400 -33.60 -19.78 -21.84
N ARG A 401 -34.68 -20.19 -21.20
CA ARG A 401 -35.92 -20.47 -21.89
C ARG A 401 -36.88 -19.27 -21.96
N GLN A 402 -36.47 -18.14 -21.41
CA GLN A 402 -37.32 -16.95 -21.40
C GLN A 402 -37.05 -16.02 -22.58
N ILE A 403 -38.12 -15.35 -23.03
CA ILE A 403 -37.99 -14.21 -23.95
C ILE A 403 -37.07 -13.16 -23.32
N GLU A 404 -36.11 -12.65 -24.09
CA GLU A 404 -35.30 -11.52 -23.62
C GLU A 404 -36.13 -10.26 -23.70
N ARG A 405 -35.91 -9.34 -22.76
CA ARG A 405 -36.78 -8.16 -22.58
C ARG A 405 -38.09 -8.50 -21.85
N SER A 406 -38.30 -9.77 -21.56
CA SER A 406 -39.28 -10.18 -20.56
C SER A 406 -38.68 -9.90 -19.18
N SER A 407 -39.52 -9.44 -18.24
CA SER A 407 -39.07 -9.03 -16.91
C SER A 407 -38.45 -10.20 -16.13
N ARG A 408 -38.75 -11.41 -16.59
CA ARG A 408 -38.21 -12.63 -16.01
C ARG A 408 -36.68 -12.76 -16.13
N THR A 409 -36.08 -12.07 -17.10
CA THR A 409 -34.62 -12.12 -17.26
C THR A 409 -33.86 -11.08 -16.42
N LEU A 410 -34.59 -10.25 -15.67
CA LEU A 410 -33.93 -9.28 -14.78
C LEU A 410 -33.13 -9.99 -13.70
N GLY A 411 -33.65 -11.14 -13.23
CA GLY A 411 -32.99 -11.94 -12.20
C GLY A 411 -31.59 -12.41 -12.61
N CYS A 412 -31.41 -12.63 -13.90
CA CYS A 412 -30.11 -13.09 -14.41
C CYS A 412 -29.34 -12.00 -15.15
N SER A 413 -29.73 -10.73 -14.94
CA SER A 413 -29.00 -9.59 -15.49
C SER A 413 -28.19 -8.87 -14.42
N TRP A 414 -26.90 -8.68 -14.68
CA TRP A 414 -26.00 -8.10 -13.71
C TRP A 414 -25.25 -6.88 -14.25
N GLU A 415 -24.80 -6.03 -13.33
CA GLU A 415 -23.74 -5.07 -13.62
C GLU A 415 -22.51 -5.22 -12.70
N PHE A 416 -21.35 -5.07 -13.31
CA PHE A 416 -20.05 -5.17 -12.64
C PHE A 416 -19.55 -3.75 -12.29
N ILE A 417 -19.27 -3.51 -11.01
CA ILE A 417 -18.89 -2.16 -10.51
C ILE A 417 -17.48 -2.16 -9.89
N PRO A 418 -16.47 -1.62 -10.63
CA PRO A 418 -15.16 -1.52 -10.03
C PRO A 418 -15.05 -0.21 -9.23
N VAL A 419 -14.11 -0.18 -8.29
CA VAL A 419 -13.78 1.03 -7.57
C VAL A 419 -13.30 2.09 -8.57
N ASP A 420 -13.95 3.26 -8.57
CA ASP A 420 -13.63 4.31 -9.51
C ASP A 420 -13.42 5.65 -8.81
N ASP A 421 -12.39 6.37 -9.22
CA ASP A 421 -12.04 7.73 -8.69
C ASP A 421 -13.18 8.74 -8.62
N GLY A 422 -14.17 8.62 -9.51
CA GLY A 422 -15.28 9.57 -9.59
C GLY A 422 -16.50 9.24 -8.73
N TRP A 423 -16.37 8.22 -7.86
CA TRP A 423 -17.50 7.78 -7.03
C TRP A 423 -17.35 8.15 -5.54
N GLY A 424 -16.18 7.92 -4.96
CA GLY A 424 -15.87 8.47 -3.63
C GLY A 424 -16.53 7.80 -2.44
N GLU A 425 -16.75 6.49 -2.55
CA GLU A 425 -17.28 5.69 -1.44
C GLU A 425 -16.13 4.85 -0.90
N ARG A 426 -16.15 4.63 0.40
CA ARG A 426 -15.13 3.80 1.04
C ARG A 426 -15.38 2.32 0.70
N PRO A 427 -14.38 1.65 0.09
CA PRO A 427 -14.57 0.24 -0.34
C PRO A 427 -14.47 -0.74 0.84
N LEU A 428 -15.41 -1.69 0.90
CA LEU A 428 -15.46 -2.67 2.01
C LEU A 428 -15.52 -4.14 1.55
N PRO B 2 29.90 -3.11 40.08
CA PRO B 2 28.96 -3.86 39.24
C PRO B 2 27.86 -4.53 40.08
N MET B 3 27.02 -5.35 39.45
CA MET B 3 26.07 -6.20 40.17
C MET B 3 26.78 -7.24 41.02
N ASN B 4 26.13 -7.68 42.09
CA ASN B 4 26.70 -8.69 42.96
C ASN B 4 26.98 -10.04 42.26
N ILE B 5 26.03 -10.51 41.44
CA ILE B 5 26.21 -11.75 40.69
C ILE B 5 27.38 -11.66 39.69
N ILE B 6 27.64 -10.45 39.21
CA ILE B 6 28.83 -10.18 38.40
C ILE B 6 30.09 -10.26 39.24
N ASN B 7 30.05 -9.69 40.44
CA ASN B 7 31.18 -9.72 41.38
C ASN B 7 31.57 -11.14 41.80
N THR B 8 30.57 -11.99 41.98
CA THR B 8 30.80 -13.39 42.37
C THR B 8 30.68 -14.35 41.17
N SER B 9 30.74 -13.83 39.95
CA SER B 9 30.62 -14.67 38.75
C SER B 9 31.83 -15.58 38.63
N ILE B 10 31.61 -16.80 38.16
CA ILE B 10 32.71 -17.74 37.97
C ILE B 10 33.59 -17.34 36.78
N LEU B 11 33.00 -16.64 35.81
CA LEU B 11 33.74 -16.09 34.68
C LEU B 11 33.17 -14.74 34.25
N ASN B 12 34.04 -13.73 34.14
CA ASN B 12 33.65 -12.38 33.75
C ASN B 12 34.58 -11.78 32.67
N LEU B 13 34.35 -12.18 31.42
CA LEU B 13 35.17 -11.79 30.27
C LEU B 13 35.00 -10.31 29.85
N ARG B 14 36.03 -9.49 30.04
CA ARG B 14 35.95 -8.05 29.74
C ARG B 14 37.24 -7.48 29.15
N TYR B 15 37.12 -6.51 28.25
CA TYR B 15 38.27 -5.85 27.65
C TYR B 15 38.69 -4.62 28.48
N GLU B 16 39.91 -4.66 28.99
CA GLU B 16 40.41 -3.64 29.91
C GLU B 16 41.92 -3.52 29.77
N SER B 17 42.40 -2.28 29.78
CA SER B 17 43.84 -1.98 29.66
C SER B 17 44.50 -2.75 28.50
N ASN B 18 43.90 -2.66 27.31
CA ASN B 18 44.46 -3.23 26.07
C ASN B 18 44.49 -4.76 25.99
N HIS B 19 43.75 -5.43 26.88
CA HIS B 19 43.70 -6.89 26.92
C HIS B 19 42.31 -7.39 27.28
N LEU B 20 41.89 -8.51 26.67
CA LEU B 20 40.71 -9.21 27.11
C LEU B 20 41.08 -10.11 28.28
N ILE B 21 40.44 -9.90 29.43
CA ILE B 21 40.78 -10.65 30.64
C ILE B 21 39.54 -11.19 31.38
N ASP B 22 39.79 -12.03 32.38
CA ASP B 22 38.77 -12.38 33.38
C ASP B 22 38.87 -11.41 34.56
N LEU B 23 37.83 -10.60 34.76
CA LEU B 23 37.76 -9.68 35.91
C LEU B 23 37.25 -10.35 37.19
N SER B 24 36.80 -11.59 37.06
CA SER B 24 36.30 -12.36 38.21
C SER B 24 37.41 -12.70 39.21
N ARG B 25 37.00 -13.07 40.41
CA ARG B 25 37.94 -13.31 41.51
C ARG B 25 38.66 -14.67 41.41
N TYR B 26 38.26 -15.47 40.42
CA TYR B 26 38.94 -16.71 40.08
C TYR B 26 40.12 -16.44 39.14
N ALA B 27 39.94 -15.52 38.19
CA ALA B 27 41.01 -15.03 37.30
C ALA B 27 41.61 -16.11 36.39
N SER B 28 40.73 -16.75 35.61
CA SER B 28 41.15 -17.73 34.62
C SER B 28 41.91 -17.04 33.47
N LYS B 29 43.03 -17.64 33.05
CA LYS B 29 43.84 -17.08 31.96
C LYS B 29 43.10 -17.13 30.59
N ILE B 30 43.31 -16.07 29.79
CA ILE B 30 42.64 -15.95 28.49
C ILE B 30 43.67 -15.98 27.35
N ASN B 31 43.41 -16.84 26.36
CA ASN B 31 44.27 -16.95 25.17
C ASN B 31 43.50 -16.54 23.92
N ILE B 32 43.98 -15.49 23.26
CA ILE B 32 43.25 -14.86 22.16
C ILE B 32 43.96 -15.19 20.86
N GLY B 33 43.24 -15.80 19.92
CA GLY B 33 43.80 -16.13 18.61
C GLY B 33 44.13 -14.89 17.79
N SER B 34 45.03 -15.04 16.82
CA SER B 34 45.52 -13.90 16.04
C SER B 34 44.49 -13.35 15.06
N LYS B 35 43.41 -14.08 14.82
CA LYS B 35 42.37 -13.62 13.90
C LYS B 35 41.04 -13.33 14.59
N VAL B 36 41.12 -13.00 15.87
CA VAL B 36 40.01 -12.37 16.56
C VAL B 36 40.03 -10.87 16.22
N ASN B 37 38.88 -10.33 15.84
CA ASN B 37 38.75 -8.91 15.53
C ASN B 37 38.04 -8.13 16.65
N PHE B 38 38.73 -7.19 17.25
CA PHE B 38 38.11 -6.33 18.25
C PHE B 38 37.71 -5.02 17.59
N ASP B 39 36.42 -4.70 17.66
CA ASP B 39 35.91 -3.45 17.08
C ASP B 39 36.68 -2.26 17.66
N PRO B 40 37.34 -1.46 16.79
CA PRO B 40 38.19 -0.37 17.30
C PRO B 40 37.40 0.68 18.09
N ILE B 41 36.11 0.84 17.75
CA ILE B 41 35.23 1.81 18.38
C ILE B 41 34.76 1.32 19.76
N ASP B 42 34.51 0.02 19.86
CA ASP B 42 34.05 -0.59 21.11
C ASP B 42 34.68 -1.99 21.28
N LYS B 43 35.79 -2.05 22.02
CA LYS B 43 36.62 -3.25 22.04
C LYS B 43 36.04 -4.40 22.85
N ASN B 44 34.91 -4.17 23.50
CA ASN B 44 34.17 -5.28 24.11
C ASN B 44 33.40 -6.09 23.09
N GLN B 45 33.21 -5.52 21.90
CA GLN B 45 32.59 -6.25 20.80
C GLN B 45 33.61 -7.08 20.05
N ILE B 46 33.41 -8.40 20.10
CA ILE B 46 34.34 -9.39 19.54
C ILE B 46 33.76 -10.07 18.31
N GLN B 47 34.49 -10.01 17.21
CA GLN B 47 34.09 -10.69 15.98
C GLN B 47 34.92 -11.96 15.76
N LEU B 48 34.21 -13.07 15.58
CA LEU B 48 34.83 -14.36 15.34
C LEU B 48 34.42 -14.83 13.96
N PHE B 49 35.42 -15.07 13.09
CA PHE B 49 35.19 -15.54 11.72
C PHE B 49 35.25 -17.06 11.66
N ASN B 50 34.83 -17.63 10.53
CA ASN B 50 34.94 -19.06 10.30
C ASN B 50 36.37 -19.49 9.95
N LEU B 51 37.32 -19.14 10.82
CA LEU B 51 38.72 -19.53 10.66
C LEU B 51 39.24 -20.17 11.96
N GLU B 52 40.24 -21.04 11.82
CA GLU B 52 40.84 -21.72 12.97
C GLU B 52 41.52 -20.76 13.95
N SER B 53 42.12 -19.70 13.42
CA SER B 53 42.81 -18.71 14.26
C SER B 53 41.86 -17.65 14.86
N SER B 54 40.58 -17.72 14.51
CA SER B 54 39.59 -16.82 15.09
C SER B 54 38.90 -17.46 16.30
N LYS B 55 39.61 -17.44 17.43
CA LYS B 55 39.14 -18.15 18.62
C LYS B 55 39.63 -17.46 19.87
N ILE B 56 38.88 -17.61 20.95
CA ILE B 56 39.33 -17.22 22.28
C ILE B 56 39.18 -18.42 23.20
N GLU B 57 40.25 -18.71 23.93
CA GLU B 57 40.25 -19.82 24.87
C GLU B 57 40.39 -19.32 26.29
N VAL B 58 39.45 -19.74 27.13
CA VAL B 58 39.49 -19.50 28.57
C VAL B 58 40.03 -20.76 29.25
N ILE B 59 41.20 -20.65 29.89
CA ILE B 59 41.73 -21.75 30.70
C ILE B 59 41.21 -21.63 32.13
N LEU B 60 40.22 -22.43 32.47
CA LEU B 60 39.51 -22.29 33.72
C LEU B 60 40.34 -22.75 34.93
N LYS B 61 40.23 -22.01 36.03
CA LYS B 61 40.79 -22.47 37.31
C LYS B 61 40.18 -23.82 37.71
N ASN B 62 40.98 -24.68 38.35
CA ASN B 62 40.52 -26.00 38.78
C ASN B 62 39.25 -25.96 39.63
N ALA B 63 39.19 -25.00 40.54
CA ALA B 63 38.05 -24.84 41.45
C ALA B 63 36.70 -24.69 40.71
N ILE B 64 36.73 -24.14 39.50
CA ILE B 64 35.48 -23.83 38.78
C ILE B 64 35.25 -24.66 37.52
N VAL B 65 36.09 -25.64 37.26
CA VAL B 65 35.79 -26.66 36.27
C VAL B 65 34.52 -27.38 36.71
N TYR B 66 33.51 -27.41 35.82
CA TYR B 66 32.26 -28.04 36.17
C TYR B 66 32.33 -29.57 36.17
N ASN B 67 32.29 -30.16 37.37
CA ASN B 67 32.25 -31.60 37.53
C ASN B 67 31.30 -31.93 38.67
N SER B 68 30.01 -31.94 38.37
CA SER B 68 28.98 -32.12 39.39
C SER B 68 27.71 -32.73 38.81
N MET B 69 26.81 -33.10 39.72
CA MET B 69 25.52 -33.65 39.35
C MET B 69 24.38 -32.78 39.89
N TYR B 70 24.71 -31.79 40.74
CA TYR B 70 23.69 -31.00 41.42
C TYR B 70 23.91 -29.47 41.41
N GLU B 71 25.08 -29.03 40.96
CA GLU B 71 25.40 -27.60 40.96
C GLU B 71 24.65 -26.85 39.85
N ASN B 72 23.86 -25.86 40.25
CA ASN B 72 23.15 -24.99 39.33
C ASN B 72 24.10 -23.97 38.73
N PHE B 73 23.82 -23.53 37.51
CA PHE B 73 24.67 -22.54 36.85
C PHE B 73 24.00 -21.89 35.65
N SER B 74 24.43 -20.66 35.37
CA SER B 74 23.88 -19.85 34.30
C SER B 74 24.99 -19.24 33.46
N THR B 75 24.63 -18.83 32.25
CA THR B 75 25.50 -18.01 31.44
C THR B 75 24.70 -16.90 30.78
N SER B 76 25.35 -15.76 30.57
CA SER B 76 24.78 -14.68 29.78
C SER B 76 25.82 -14.08 28.85
N PHE B 77 25.36 -13.53 27.72
CA PHE B 77 26.22 -12.88 26.72
C PHE B 77 25.34 -12.18 25.68
N TRP B 78 25.90 -11.16 25.03
CA TRP B 78 25.25 -10.53 23.88
C TRP B 78 25.82 -11.11 22.61
N ILE B 79 24.99 -11.27 21.60
CA ILE B 79 25.42 -11.85 20.34
C ILE B 79 24.73 -11.15 19.15
N ARG B 80 25.46 -11.03 18.05
CA ARG B 80 24.87 -10.53 16.82
C ARG B 80 25.21 -11.48 15.70
N ILE B 81 24.16 -12.03 15.10
CA ILE B 81 24.30 -13.10 14.12
C ILE B 81 23.84 -12.55 12.75
N PRO B 82 24.76 -12.50 11.76
CA PRO B 82 24.38 -11.99 10.45
C PRO B 82 23.32 -12.89 9.81
N LYS B 83 22.49 -12.30 8.95
CA LYS B 83 21.51 -13.06 8.22
C LYS B 83 22.19 -14.27 7.56
N TYR B 84 21.48 -15.39 7.52
CA TYR B 84 21.90 -16.53 6.73
C TYR B 84 21.54 -16.31 5.27
N PHE B 85 22.54 -16.51 4.39
CA PHE B 85 22.44 -16.19 2.98
C PHE B 85 22.43 -17.41 2.06
N ASN B 86 23.12 -18.47 2.48
CA ASN B 86 23.48 -19.59 1.61
C ASN B 86 22.78 -20.87 2.05
N SER B 87 22.31 -21.66 1.08
CA SER B 87 21.58 -22.91 1.37
C SER B 87 22.40 -23.91 2.20
N ILE B 88 23.72 -23.93 2.01
CA ILE B 88 24.63 -24.76 2.82
C ILE B 88 24.42 -24.55 4.34
N SER B 89 23.84 -23.42 4.73
CA SER B 89 23.57 -23.11 6.13
C SER B 89 22.26 -23.72 6.68
N LEU B 90 21.38 -24.15 5.78
CA LEU B 90 20.21 -24.93 6.20
C LEU B 90 20.69 -26.26 6.80
N ASN B 91 20.13 -26.62 7.95
CA ASN B 91 20.50 -27.86 8.64
C ASN B 91 22.02 -28.04 8.76
N ASN B 92 22.67 -27.05 9.35
CA ASN B 92 24.09 -27.11 9.65
C ASN B 92 24.33 -26.53 11.04
N GLU B 93 24.15 -27.36 12.07
CA GLU B 93 24.39 -26.92 13.43
C GLU B 93 25.90 -26.78 13.67
N TYR B 94 26.32 -25.61 14.13
CA TYR B 94 27.72 -25.38 14.41
C TYR B 94 27.91 -24.80 15.80
N THR B 95 28.94 -25.27 16.50
CA THR B 95 29.25 -24.78 17.84
C THR B 95 29.91 -23.41 17.79
N ILE B 96 29.57 -22.55 18.73
CA ILE B 96 30.27 -21.27 18.90
C ILE B 96 30.93 -21.10 20.26
N ILE B 97 30.35 -21.70 21.30
CA ILE B 97 30.94 -21.66 22.63
C ILE B 97 30.99 -23.10 23.19
N ASN B 98 32.19 -23.61 23.36
CA ASN B 98 32.42 -25.04 23.58
C ASN B 98 33.04 -25.35 24.94
N CYS B 99 32.33 -26.14 25.73
CA CYS B 99 32.86 -26.63 27.00
C CYS B 99 32.56 -28.12 27.12
N MET B 100 32.76 -28.83 26.01
CA MET B 100 32.56 -30.27 25.95
C MET B 100 33.88 -31.02 26.06
N GLU B 101 33.91 -32.00 26.96
CA GLU B 101 35.07 -32.87 27.13
C GLU B 101 34.59 -34.32 27.11
N ASN B 102 35.16 -35.12 26.21
CA ASN B 102 34.81 -36.54 26.09
C ASN B 102 33.30 -36.82 26.11
N ASN B 103 32.55 -35.98 25.40
CA ASN B 103 31.08 -36.10 25.27
C ASN B 103 30.27 -35.65 26.48
N SER B 104 30.92 -35.06 27.49
CA SER B 104 30.20 -34.45 28.59
C SER B 104 30.50 -32.97 28.70
N GLY B 105 29.52 -32.19 29.18
CA GLY B 105 29.70 -30.76 29.39
C GLY B 105 28.54 -29.92 28.87
N TRP B 106 28.85 -28.69 28.48
CA TRP B 106 27.86 -27.78 27.87
C TRP B 106 28.42 -27.07 26.65
N LYS B 107 27.51 -26.57 25.82
CA LYS B 107 27.88 -25.79 24.66
C LYS B 107 26.74 -24.92 24.15
N VAL B 108 27.10 -23.79 23.56
CA VAL B 108 26.16 -22.98 22.78
C VAL B 108 26.47 -23.21 21.31
N SER B 109 25.44 -23.56 20.55
CA SER B 109 25.57 -23.72 19.13
C SER B 109 24.55 -22.90 18.38
N LEU B 110 24.75 -22.76 17.07
CA LEU B 110 23.82 -22.07 16.21
C LEU B 110 23.43 -22.95 15.02
N ASN B 111 22.28 -22.61 14.43
CA ASN B 111 21.88 -23.17 13.15
C ASN B 111 21.09 -22.08 12.44
N TYR B 112 20.63 -22.37 11.23
CA TYR B 112 19.75 -21.48 10.51
C TYR B 112 18.56 -21.10 11.39
N GLY B 113 18.45 -19.81 11.72
CA GLY B 113 17.40 -19.31 12.59
C GLY B 113 17.34 -19.89 14.00
N GLU B 114 18.48 -20.35 14.52
CA GLU B 114 18.48 -20.97 15.85
C GLU B 114 19.66 -20.58 16.75
N ILE B 115 19.37 -20.42 18.04
CA ILE B 115 20.39 -20.42 19.09
C ILE B 115 20.11 -21.62 20.02
N ILE B 116 21.10 -22.49 20.17
CA ILE B 116 20.91 -23.81 20.81
C ILE B 116 21.81 -23.98 22.01
N TRP B 117 21.22 -24.42 23.12
CA TRP B 117 21.95 -24.77 24.32
C TRP B 117 21.89 -26.27 24.52
N THR B 118 23.06 -26.91 24.70
CA THR B 118 23.14 -28.35 24.90
C THR B 118 23.86 -28.71 26.21
N LEU B 119 23.28 -29.64 26.96
CA LEU B 119 23.92 -30.27 28.12
C LEU B 119 24.04 -31.76 27.87
N GLN B 120 25.16 -32.34 28.27
CA GLN B 120 25.35 -33.78 28.13
C GLN B 120 26.15 -34.34 29.30
N ASP B 121 25.62 -35.36 29.95
CA ASP B 121 26.30 -35.97 31.09
C ASP B 121 27.33 -37.01 30.63
N THR B 122 28.03 -37.61 31.60
CA THR B 122 29.07 -38.58 31.31
C THR B 122 28.52 -39.91 30.81
N GLN B 123 27.22 -40.10 30.97
CA GLN B 123 26.54 -41.32 30.51
C GLN B 123 25.80 -41.11 29.17
N GLU B 124 26.31 -40.17 28.37
CA GLU B 124 25.85 -39.93 26.99
C GLU B 124 24.44 -39.32 26.85
N ILE B 125 23.72 -39.22 27.96
CA ILE B 125 22.41 -38.57 27.95
C ILE B 125 22.58 -37.07 27.74
N LYS B 126 21.89 -36.54 26.72
CA LYS B 126 21.97 -35.11 26.40
C LYS B 126 20.59 -34.45 26.45
N GLN B 127 20.58 -33.12 26.60
CA GLN B 127 19.36 -32.34 26.48
C GLN B 127 19.65 -31.05 25.72
N ARG B 128 18.73 -30.69 24.82
CA ARG B 128 18.84 -29.48 23.99
C ARG B 128 17.74 -28.50 24.33
N VAL B 129 18.10 -27.23 24.49
CA VAL B 129 17.12 -26.14 24.52
C VAL B 129 17.39 -25.20 23.34
N VAL B 130 16.34 -24.85 22.58
CA VAL B 130 16.47 -24.12 21.31
C VAL B 130 15.64 -22.82 21.30
N PHE B 131 16.26 -21.69 20.96
CA PHE B 131 15.52 -20.49 20.56
C PHE B 131 15.48 -20.39 19.03
N LYS B 132 14.27 -20.23 18.50
CA LYS B 132 14.05 -20.21 17.07
C LYS B 132 13.57 -18.83 16.61
N TYR B 133 14.11 -18.38 15.46
CA TYR B 133 13.67 -17.12 14.84
C TYR B 133 13.60 -17.27 13.33
N SER B 134 12.55 -16.72 12.74
CA SER B 134 12.31 -16.82 11.30
C SER B 134 13.13 -15.80 10.47
N GLN B 135 13.49 -16.18 9.24
CA GLN B 135 14.06 -15.23 8.28
C GLN B 135 13.01 -14.84 7.23
N MET B 136 11.79 -15.29 7.45
CA MET B 136 10.63 -14.96 6.62
C MET B 136 9.74 -14.08 7.47
N ILE B 137 10.08 -12.80 7.54
CA ILE B 137 9.47 -11.89 8.48
C ILE B 137 9.75 -10.46 8.01
N ASN B 138 8.79 -9.57 8.23
CA ASN B 138 8.94 -8.17 7.78
C ASN B 138 10.10 -7.43 8.42
N ILE B 139 10.04 -7.22 9.72
CA ILE B 139 11.15 -6.58 10.45
C ILE B 139 11.45 -7.41 11.69
N SER B 140 12.65 -7.99 11.75
CA SER B 140 13.03 -8.88 12.85
C SER B 140 13.73 -8.14 13.99
N ASP B 141 13.43 -8.52 15.23
CA ASP B 141 14.26 -8.09 16.39
C ASP B 141 15.59 -8.84 16.49
N TYR B 142 15.75 -9.93 15.73
CA TYR B 142 16.86 -10.85 15.94
C TYR B 142 17.87 -10.94 14.80
N ILE B 143 17.43 -10.85 13.55
CA ILE B 143 18.36 -10.98 12.43
C ILE B 143 19.36 -9.82 12.37
N ASN B 144 20.63 -10.12 12.54
CA ASN B 144 21.72 -9.15 12.39
C ASN B 144 21.71 -8.02 13.42
N ARG B 145 20.99 -8.24 14.53
CA ARG B 145 20.82 -7.25 15.58
C ARG B 145 21.30 -7.84 16.90
N TRP B 146 21.91 -7.01 17.75
CA TRP B 146 22.34 -7.52 19.06
C TRP B 146 21.19 -8.07 19.90
N ILE B 147 21.43 -9.25 20.46
CA ILE B 147 20.48 -9.99 21.28
C ILE B 147 21.16 -10.31 22.62
N PHE B 148 20.42 -10.15 23.71
CA PHE B 148 20.89 -10.56 25.00
C PHE B 148 20.37 -11.96 25.29
N VAL B 149 21.31 -12.89 25.47
CA VAL B 149 20.98 -14.30 25.72
C VAL B 149 21.25 -14.59 27.18
N THR B 150 20.34 -15.30 27.84
CA THR B 150 20.62 -15.85 29.15
C THR B 150 20.13 -17.29 29.27
N ILE B 151 21.00 -18.15 29.76
CA ILE B 151 20.66 -19.55 29.91
C ILE B 151 20.90 -19.92 31.37
N THR B 152 19.87 -20.48 32.00
CA THR B 152 19.98 -20.89 33.41
C THR B 152 19.72 -22.40 33.53
N ASN B 153 20.36 -23.01 34.53
CA ASN B 153 20.22 -24.44 34.72
C ASN B 153 19.97 -24.80 36.17
N ASN B 154 18.82 -25.43 36.42
CA ASN B 154 18.49 -25.96 37.72
C ASN B 154 18.48 -27.48 37.65
N ARG B 155 19.43 -28.09 38.33
CA ARG B 155 19.67 -29.52 38.20
C ARG B 155 18.48 -30.35 38.67
N LEU B 156 17.75 -29.83 39.65
CA LEU B 156 16.54 -30.50 40.14
C LEU B 156 15.37 -30.41 39.15
N ASN B 157 15.35 -29.37 38.32
CA ASN B 157 14.19 -29.15 37.46
C ASN B 157 14.50 -28.91 35.98
N ASN B 158 14.73 -27.65 35.59
CA ASN B 158 14.77 -27.27 34.18
C ASN B 158 15.95 -26.41 33.75
N SER B 159 16.23 -26.45 32.44
CA SER B 159 17.12 -25.51 31.81
C SER B 159 16.26 -24.54 30.99
N LYS B 160 16.60 -23.25 31.05
CA LYS B 160 15.79 -22.19 30.44
C LYS B 160 16.64 -21.25 29.60
N ILE B 161 16.12 -20.88 28.43
CA ILE B 161 16.74 -19.85 27.63
C ILE B 161 15.90 -18.57 27.65
N TYR B 162 16.55 -17.47 27.98
CA TYR B 162 15.95 -16.16 27.97
C TYR B 162 16.55 -15.38 26.82
N ILE B 163 15.72 -14.55 26.20
CA ILE B 163 16.14 -13.68 25.11
C ILE B 163 15.65 -12.27 25.42
N ASN B 164 16.57 -11.30 25.38
CA ASN B 164 16.27 -9.92 25.80
C ASN B 164 15.50 -9.86 27.11
N GLY B 165 15.92 -10.66 28.09
CA GLY B 165 15.37 -10.60 29.42
C GLY B 165 14.11 -11.42 29.60
N ARG B 166 13.60 -12.02 28.51
CA ARG B 166 12.29 -12.70 28.52
C ARG B 166 12.41 -14.22 28.24
N LEU B 167 11.72 -15.01 29.06
CA LEU B 167 11.73 -16.48 28.95
C LEU B 167 11.11 -16.92 27.61
N ILE B 168 11.87 -17.67 26.81
CA ILE B 168 11.36 -18.18 25.53
C ILE B 168 11.09 -19.69 25.51
N ASP B 169 12.04 -20.50 25.98
N ASP B 169 12.03 -20.48 26.03
CA ASP B 169 11.77 -21.94 26.16
CA ASP B 169 11.88 -21.95 26.07
C ASP B 169 12.47 -22.54 27.37
C ASP B 169 12.54 -22.57 27.31
N GLN B 170 12.04 -23.75 27.71
CA GLN B 170 12.62 -24.50 28.80
C GLN B 170 12.43 -25.99 28.55
N LYS B 171 13.37 -26.80 29.04
CA LYS B 171 13.26 -28.25 28.97
C LYS B 171 13.75 -28.84 30.29
N PRO B 172 13.14 -29.96 30.71
CA PRO B 172 13.62 -30.59 31.95
C PRO B 172 14.98 -31.26 31.76
N ILE B 173 15.81 -31.23 32.79
CA ILE B 173 17.16 -31.82 32.75
C ILE B 173 17.46 -32.72 33.95
N SER B 174 16.45 -32.98 34.78
CA SER B 174 16.63 -33.79 35.98
C SER B 174 16.97 -35.25 35.66
N ASN B 175 16.86 -35.59 34.38
CA ASN B 175 17.23 -36.92 33.90
C ASN B 175 18.74 -37.10 33.87
N LEU B 176 19.46 -35.99 33.69
CA LEU B 176 20.92 -36.00 33.51
C LEU B 176 21.66 -36.33 34.80
N GLY B 177 22.62 -37.25 34.69
CA GLY B 177 23.45 -37.64 35.82
C GLY B 177 24.58 -36.65 36.04
N ASN B 178 25.80 -37.18 36.17
CA ASN B 178 26.99 -36.34 36.34
C ASN B 178 27.44 -35.67 35.05
N ILE B 179 27.58 -34.35 35.08
CA ILE B 179 28.15 -33.60 33.97
C ILE B 179 29.58 -33.15 34.33
N HIS B 180 30.56 -33.70 33.62
CA HIS B 180 31.95 -33.29 33.76
C HIS B 180 32.31 -32.48 32.53
N ALA B 181 32.35 -31.16 32.69
CA ALA B 181 32.62 -30.26 31.58
C ALA B 181 34.11 -30.03 31.40
N SER B 182 34.48 -29.44 30.26
CA SER B 182 35.87 -29.21 29.92
C SER B 182 36.57 -28.30 30.92
N ASN B 183 37.89 -28.43 30.97
CA ASN B 183 38.74 -27.55 31.77
C ASN B 183 38.88 -26.18 31.12
N ASN B 184 38.44 -26.07 29.87
CA ASN B 184 38.49 -24.80 29.15
C ASN B 184 37.20 -24.47 28.39
N ILE B 185 37.00 -23.19 28.12
CA ILE B 185 35.95 -22.74 27.23
C ILE B 185 36.57 -22.21 25.93
N MET B 186 36.04 -22.68 24.80
CA MET B 186 36.52 -22.26 23.49
C MET B 186 35.45 -21.47 22.72
N PHE B 187 35.69 -20.17 22.57
CA PHE B 187 34.86 -19.31 21.71
C PHE B 187 35.38 -19.42 20.29
N LYS B 188 34.63 -20.09 19.41
CA LYS B 188 35.12 -20.47 18.09
C LYS B 188 34.01 -21.14 17.29
N LEU B 189 33.88 -20.76 16.02
CA LEU B 189 32.95 -21.40 15.11
C LEU B 189 33.46 -22.79 14.76
N ASP B 190 32.65 -23.79 15.05
CA ASP B 190 33.13 -25.17 14.94
C ASP B 190 32.10 -26.05 14.23
N GLY B 191 32.48 -26.59 13.08
CA GLY B 191 31.58 -27.38 12.24
C GLY B 191 30.71 -26.55 11.30
N CYS B 192 31.06 -25.27 11.14
CA CYS B 192 30.29 -24.40 10.23
C CYS B 192 30.76 -24.57 8.80
N ARG B 193 29.85 -25.01 7.92
CA ARG B 193 30.19 -25.25 6.51
C ARG B 193 30.28 -23.97 5.67
N ASP B 194 29.61 -22.91 6.12
CA ASP B 194 29.59 -21.63 5.40
C ASP B 194 30.86 -20.82 5.70
N THR B 195 31.76 -20.73 4.73
CA THR B 195 33.10 -20.18 4.97
C THR B 195 33.12 -18.68 5.33
N HIS B 196 32.05 -17.95 4.97
CA HIS B 196 31.96 -16.51 5.24
C HIS B 196 31.18 -16.20 6.51
N ARG B 197 30.80 -17.24 7.23
CA ARG B 197 30.10 -17.11 8.50
C ARG B 197 30.93 -16.36 9.55
N TYR B 198 30.27 -15.50 10.33
CA TYR B 198 30.89 -14.88 11.51
C TYR B 198 29.86 -14.62 12.58
N ILE B 199 30.31 -14.36 13.80
CA ILE B 199 29.42 -13.80 14.83
C ILE B 199 30.10 -12.62 15.48
N TRP B 200 29.30 -11.76 16.09
CA TRP B 200 29.78 -10.81 17.07
C TRP B 200 29.32 -11.24 18.46
N ILE B 201 30.16 -11.00 19.45
CA ILE B 201 29.84 -11.36 20.82
C ILE B 201 30.38 -10.31 21.79
N LYS B 202 29.67 -10.13 22.91
CA LYS B 202 30.02 -9.13 23.92
C LYS B 202 29.53 -9.59 25.32
N TYR B 203 30.35 -9.32 26.34
CA TYR B 203 29.98 -9.47 27.75
C TYR B 203 29.64 -10.88 28.14
N PHE B 204 30.56 -11.82 27.93
CA PHE B 204 30.29 -13.16 28.35
C PHE B 204 30.46 -13.27 29.87
N ASN B 205 29.49 -13.93 30.49
CA ASN B 205 29.52 -14.23 31.93
C ASN B 205 29.07 -15.63 32.19
N LEU B 206 29.60 -16.21 33.28
CA LEU B 206 29.20 -17.50 33.76
C LEU B 206 28.93 -17.36 35.27
N PHE B 207 27.86 -18.00 35.75
CA PHE B 207 27.44 -17.90 37.16
C PHE B 207 27.23 -19.30 37.75
N ASP B 208 27.61 -19.50 39.02
CA ASP B 208 27.40 -20.81 39.66
C ASP B 208 26.08 -20.91 40.44
N LYS B 209 25.00 -20.43 39.83
CA LYS B 209 23.65 -20.57 40.36
C LYS B 209 22.60 -20.33 39.25
N GLU B 210 21.38 -20.81 39.48
CA GLU B 210 20.26 -20.50 38.58
C GLU B 210 19.75 -19.08 38.83
N LEU B 211 19.95 -18.18 37.87
CA LEU B 211 19.46 -16.79 38.02
C LEU B 211 17.93 -16.75 37.95
N ASN B 212 17.31 -15.98 38.82
CA ASN B 212 15.86 -15.76 38.75
C ASN B 212 15.47 -14.67 37.75
N GLU B 213 14.17 -14.52 37.51
CA GLU B 213 13.66 -13.57 36.51
C GLU B 213 14.07 -12.13 36.77
N LYS B 214 14.12 -11.73 38.04
CA LYS B 214 14.51 -10.36 38.39
C LYS B 214 15.99 -10.12 38.15
N GLU B 215 16.81 -11.10 38.50
CA GLU B 215 18.25 -11.01 38.25
C GLU B 215 18.54 -10.88 36.75
N ILE B 216 17.84 -11.65 35.94
CA ILE B 216 18.02 -11.61 34.50
C ILE B 216 17.58 -10.26 33.91
N LYS B 217 16.42 -9.78 34.36
CA LYS B 217 15.91 -8.49 33.90
C LYS B 217 16.87 -7.37 34.32
N ASP B 218 17.32 -7.40 35.57
CA ASP B 218 18.29 -6.43 36.09
C ASP B 218 19.60 -6.47 35.30
N LEU B 219 20.06 -7.68 34.96
CA LEU B 219 21.28 -7.88 34.17
C LEU B 219 21.09 -7.30 32.79
N TYR B 220 19.94 -7.58 32.18
CA TYR B 220 19.58 -7.03 30.88
C TYR B 220 19.62 -5.48 30.92
N ASP B 221 18.88 -4.88 31.86
CA ASP B 221 18.85 -3.42 32.09
C ASP B 221 20.24 -2.83 32.32
N ASN B 222 21.00 -3.42 33.24
CA ASN B 222 22.32 -2.91 33.59
C ASN B 222 23.33 -2.95 32.44
N GLN B 223 23.34 -4.06 31.71
CA GLN B 223 24.24 -4.16 30.54
C GLN B 223 23.72 -3.40 29.31
N SER B 224 22.47 -2.93 29.37
CA SER B 224 21.83 -2.14 28.27
C SER B 224 22.03 -0.63 28.46
N ASN B 225 21.85 -0.17 29.70
CA ASN B 225 21.90 1.24 30.01
C ASN B 225 23.22 1.84 29.58
N SER B 226 23.16 2.98 28.90
CA SER B 226 24.34 3.61 28.34
C SER B 226 24.14 5.10 28.11
N GLY B 227 25.25 5.83 28.13
CA GLY B 227 25.27 7.26 27.77
C GLY B 227 25.50 7.40 26.29
N ILE B 228 25.65 6.27 25.61
CA ILE B 228 25.91 6.26 24.18
C ILE B 228 24.66 5.82 23.41
N LEU B 229 24.35 6.54 22.33
CA LEU B 229 23.23 6.17 21.45
C LEU B 229 23.65 5.07 20.52
N LYS B 230 22.68 4.28 20.07
CA LYS B 230 22.99 3.13 19.23
C LYS B 230 22.12 3.10 17.97
N ASP B 231 22.61 2.48 16.92
CA ASP B 231 21.83 2.29 15.69
C ASP B 231 20.84 1.11 15.72
N PHE B 232 20.13 0.90 14.61
CA PHE B 232 19.13 -0.16 14.49
C PHE B 232 19.70 -1.54 14.84
N TRP B 233 20.94 -1.79 14.42
CA TRP B 233 21.63 -3.05 14.64
C TRP B 233 22.05 -3.21 16.10
N GLY B 234 22.19 -2.08 16.81
CA GLY B 234 22.63 -2.05 18.20
C GLY B 234 24.08 -1.61 18.37
N ASP B 235 24.72 -1.22 17.26
CA ASP B 235 26.07 -0.64 17.33
C ASP B 235 26.02 0.83 17.76
N TYR B 236 27.15 1.34 18.23
CA TYR B 236 27.29 2.76 18.60
C TYR B 236 26.87 3.64 17.43
N LEU B 237 26.03 4.63 17.71
CA LEU B 237 25.66 5.64 16.71
C LEU B 237 26.86 6.56 16.45
N GLN B 238 27.06 6.94 15.19
CA GLN B 238 28.25 7.70 14.82
C GLN B 238 27.93 8.98 14.04
N TYR B 239 28.83 9.96 14.15
CA TYR B 239 28.83 11.13 13.28
C TYR B 239 29.34 10.74 11.89
N ASP B 240 28.89 11.50 10.88
CA ASP B 240 29.40 11.36 9.50
C ASP B 240 29.18 9.97 8.90
N LYS B 241 28.08 9.35 9.29
CA LYS B 241 27.73 8.02 8.79
C LYS B 241 26.29 8.03 8.28
N PRO B 242 26.07 7.72 6.99
CA PRO B 242 24.69 7.80 6.47
C PRO B 242 23.77 6.75 7.10
N TYR B 243 22.56 7.17 7.46
CA TYR B 243 21.56 6.28 8.06
C TYR B 243 20.22 6.40 7.35
N TYR B 244 19.66 5.26 6.97
CA TYR B 244 18.25 5.22 6.60
C TYR B 244 17.42 5.34 7.89
N MET B 245 16.17 5.80 7.77
CA MET B 245 15.40 6.17 8.94
C MET B 245 14.13 5.36 9.09
N LEU B 246 13.77 5.11 10.35
CA LEU B 246 12.64 4.29 10.69
C LEU B 246 12.02 4.90 11.93
N ASN B 247 10.72 5.14 11.85
CA ASN B 247 9.97 5.75 12.92
C ASN B 247 9.20 4.66 13.65
N LEU B 248 9.36 4.63 14.96
CA LEU B 248 8.82 3.54 15.77
C LEU B 248 7.29 3.45 15.81
N TYR B 249 6.59 4.56 15.60
CA TYR B 249 5.13 4.51 15.53
C TYR B 249 4.64 3.61 14.38
N ASP B 250 5.27 3.75 13.23
CA ASP B 250 4.97 2.88 12.08
C ASP B 250 6.25 2.50 11.34
N PRO B 251 6.89 1.38 11.73
CA PRO B 251 8.15 0.91 11.16
C PRO B 251 8.04 0.57 9.67
N ASN B 252 6.82 0.40 9.18
CA ASN B 252 6.60 0.04 7.77
C ASN B 252 6.76 1.23 6.80
N LYS B 253 7.12 2.39 7.35
CA LYS B 253 7.30 3.59 6.55
C LYS B 253 8.76 4.03 6.55
N TYR B 254 9.14 4.86 5.57
CA TYR B 254 10.48 5.46 5.53
C TYR B 254 10.36 6.96 5.22
N VAL B 255 11.44 7.70 5.44
CA VAL B 255 11.43 9.14 5.26
C VAL B 255 11.75 9.50 3.82
N ASP B 256 10.91 10.34 3.24
CA ASP B 256 11.21 10.94 1.95
C ASP B 256 11.07 12.46 1.96
N VAL B 257 11.59 13.09 0.92
CA VAL B 257 11.56 14.53 0.78
C VAL B 257 10.76 14.78 -0.47
N ASN B 258 9.69 15.56 -0.34
CA ASN B 258 8.87 15.91 -1.48
C ASN B 258 9.61 16.86 -2.41
N ASN B 259 10.09 17.96 -1.85
CA ASN B 259 10.95 18.88 -2.59
C ASN B 259 11.97 19.49 -1.64
N VAL B 260 13.11 19.88 -2.20
CA VAL B 260 14.17 20.52 -1.44
C VAL B 260 13.82 22.00 -1.23
N GLY B 261 14.25 22.56 -0.09
CA GLY B 261 14.03 23.99 0.19
C GLY B 261 12.82 24.28 1.07
N ILE B 262 12.69 25.53 1.49
CA ILE B 262 11.76 25.89 2.57
C ILE B 262 10.24 25.68 2.30
N ARG B 263 9.85 25.59 1.02
CA ARG B 263 8.46 25.29 0.68
C ARG B 263 8.22 23.80 0.50
N GLY B 264 9.29 23.02 0.65
CA GLY B 264 9.19 21.58 0.63
C GLY B 264 9.13 21.03 2.04
N TYR B 265 8.91 19.74 2.14
CA TYR B 265 8.81 19.09 3.44
C TYR B 265 9.27 17.66 3.35
N MET B 266 9.56 17.11 4.53
CA MET B 266 9.87 15.71 4.68
C MET B 266 8.64 14.99 5.23
N TYR B 267 8.46 13.74 4.83
CA TYR B 267 7.28 12.99 5.22
C TYR B 267 7.54 11.49 5.30
N LEU B 268 6.60 10.78 5.94
CA LEU B 268 6.65 9.33 6.08
C LEU B 268 5.83 8.66 4.97
N LYS B 269 6.45 7.73 4.24
CA LYS B 269 5.79 7.07 3.13
C LYS B 269 6.04 5.57 3.24
N GLY B 270 5.12 4.79 2.66
CA GLY B 270 5.26 3.35 2.60
C GLY B 270 4.48 2.77 1.43
N PRO B 271 4.57 1.44 1.22
CA PRO B 271 5.30 0.51 2.06
C PRO B 271 6.78 0.37 1.66
N ARG B 272 7.54 -0.34 2.47
CA ARG B 272 8.96 -0.55 2.23
C ARG B 272 9.28 -1.41 1.02
N GLY B 273 8.39 -2.36 0.69
CA GLY B 273 8.72 -3.40 -0.29
C GLY B 273 9.60 -4.45 0.37
N SER B 274 10.20 -5.33 -0.43
CA SER B 274 10.83 -6.56 0.09
C SER B 274 12.24 -6.78 -0.44
N VAL B 275 13.07 -7.42 0.40
CA VAL B 275 14.34 -8.01 -0.04
C VAL B 275 14.32 -9.55 0.17
N MET B 276 14.86 -10.31 -0.78
CA MET B 276 14.78 -11.78 -0.70
C MET B 276 15.94 -12.54 -1.31
N THR B 277 16.18 -13.71 -0.74
CA THR B 277 16.86 -14.76 -1.44
C THR B 277 15.94 -15.97 -1.47
N THR B 278 15.75 -16.53 -2.66
CA THR B 278 14.87 -17.67 -2.88
C THR B 278 15.11 -18.77 -1.82
N ASN B 279 14.05 -19.08 -1.08
CA ASN B 279 14.05 -20.14 -0.06
C ASN B 279 14.97 -19.90 1.13
N ILE B 280 15.47 -18.67 1.29
CA ILE B 280 16.38 -18.38 2.39
C ILE B 280 15.88 -17.28 3.32
N TYR B 281 15.45 -16.14 2.74
CA TYR B 281 14.89 -15.03 3.52
C TYR B 281 13.96 -14.15 2.68
N LEU B 282 12.98 -13.56 3.38
CA LEU B 282 12.10 -12.55 2.79
C LEU B 282 11.79 -11.53 3.90
N ASN B 283 12.35 -10.34 3.75
CA ASN B 283 12.22 -9.31 4.77
C ASN B 283 11.73 -8.01 4.14
N SER B 284 11.35 -7.05 4.98
CA SER B 284 11.10 -5.69 4.49
C SER B 284 12.43 -5.05 4.09
N SER B 285 12.40 -4.27 3.02
CA SER B 285 13.54 -3.51 2.59
C SER B 285 13.84 -2.46 3.66
N LEU B 286 15.10 -2.38 4.08
CA LEU B 286 15.53 -1.39 5.06
C LEU B 286 16.21 -0.18 4.48
N TYR B 287 16.75 -0.29 3.26
CA TYR B 287 17.52 0.81 2.69
C TYR B 287 16.62 1.66 1.78
N ARG B 288 15.53 2.15 2.37
CA ARG B 288 14.53 2.93 1.64
C ARG B 288 14.60 4.40 2.05
N GLY B 289 14.38 5.29 1.07
CA GLY B 289 14.18 6.72 1.35
C GLY B 289 15.44 7.53 1.56
N ALA B 290 15.28 8.73 2.08
CA ALA B 290 16.43 9.60 2.28
C ALA B 290 17.26 9.23 3.51
N LYS B 291 18.56 9.45 3.40
CA LYS B 291 19.47 9.18 4.50
C LYS B 291 19.69 10.43 5.36
N PHE B 292 19.81 10.23 6.67
CA PHE B 292 20.26 11.26 7.59
C PHE B 292 21.72 11.02 7.93
N ILE B 293 22.49 12.11 7.99
CA ILE B 293 23.86 12.08 8.48
C ILE B 293 23.98 13.06 9.66
N ILE B 294 24.46 12.56 10.79
CA ILE B 294 24.59 13.35 12.00
C ILE B 294 25.94 14.06 11.94
N LYS B 295 25.93 15.37 12.16
CA LYS B 295 27.11 16.21 12.04
C LYS B 295 27.47 16.79 13.40
N LYS B 296 28.78 16.85 13.70
CA LYS B 296 29.24 17.39 14.99
C LYS B 296 29.00 18.90 15.08
N TYR B 297 28.45 19.34 16.21
CA TYR B 297 28.30 20.76 16.49
C TYR B 297 28.99 21.11 17.81
N ALA B 298 28.41 20.62 18.92
CA ALA B 298 28.91 20.93 20.25
C ALA B 298 29.67 19.74 20.80
N ASN B 301 33.98 15.96 22.24
CA ASN B 301 34.84 14.80 22.15
C ASN B 301 35.49 14.66 20.78
N LYS B 302 36.74 14.18 20.76
CA LYS B 302 37.48 13.97 19.52
C LYS B 302 36.99 12.75 18.74
N ASP B 303 36.48 11.74 19.45
CA ASP B 303 36.01 10.51 18.81
C ASP B 303 34.71 10.73 18.01
N ASN B 304 34.22 9.66 17.38
CA ASN B 304 33.18 9.78 16.38
C ASN B 304 31.79 9.31 16.88
N ILE B 305 31.67 9.13 18.18
CA ILE B 305 30.48 8.48 18.75
C ILE B 305 29.43 9.49 19.23
N VAL B 306 28.17 9.20 18.96
CA VAL B 306 27.09 10.13 19.34
C VAL B 306 26.59 9.80 20.73
N ARG B 307 26.78 10.74 21.66
CA ARG B 307 26.39 10.54 23.04
C ARG B 307 25.07 11.22 23.38
N ASN B 308 24.37 10.64 24.34
CA ASN B 308 23.21 11.25 24.93
C ASN B 308 23.47 12.71 25.31
N ASN B 309 22.59 13.59 24.84
CA ASN B 309 22.71 15.07 25.07
C ASN B 309 23.68 15.83 24.17
N ASP B 310 24.38 15.11 23.30
CA ASP B 310 25.15 15.77 22.24
C ASP B 310 24.23 16.68 21.42
N ARG B 311 24.69 17.90 21.15
N ARG B 311 24.68 17.91 21.18
CA ARG B 311 24.00 18.78 20.23
CA ARG B 311 24.01 18.78 20.23
C ARG B 311 24.65 18.66 18.87
C ARG B 311 24.65 18.64 18.86
N VAL B 312 23.83 18.43 17.83
CA VAL B 312 24.32 18.06 16.51
C VAL B 312 23.58 18.86 15.43
N TYR B 313 24.05 18.77 14.18
CA TYR B 313 23.22 19.13 13.01
C TYR B 313 22.86 17.86 12.30
N ILE B 314 21.74 17.88 11.58
CA ILE B 314 21.35 16.75 10.75
C ILE B 314 21.40 17.15 9.27
N ASN B 315 22.25 16.46 8.50
CA ASN B 315 22.19 16.54 7.03
C ASN B 315 21.25 15.47 6.47
N VAL B 316 20.56 15.85 5.41
CA VAL B 316 19.66 14.97 4.72
C VAL B 316 20.16 14.77 3.28
N VAL B 317 20.28 13.51 2.88
CA VAL B 317 20.78 13.15 1.54
C VAL B 317 19.59 12.94 0.59
N VAL B 318 19.50 13.81 -0.42
CA VAL B 318 18.49 13.69 -1.47
C VAL B 318 19.24 13.63 -2.79
N LYS B 319 19.07 12.52 -3.51
CA LYS B 319 19.75 12.30 -4.80
C LYS B 319 21.28 12.49 -4.72
N ASN B 320 21.90 11.77 -3.79
N ASN B 320 21.91 11.78 -3.79
CA ASN B 320 23.36 11.82 -3.59
CA ASN B 320 23.37 11.82 -3.60
C ASN B 320 23.94 13.21 -3.24
C ASN B 320 23.93 13.22 -3.30
N LYS B 321 23.07 14.12 -2.82
CA LYS B 321 23.50 15.49 -2.43
C LYS B 321 23.02 15.81 -1.01
N GLU B 322 23.83 16.57 -0.27
CA GLU B 322 23.55 16.85 1.14
C GLU B 322 22.87 18.18 1.40
N TYR B 323 21.77 18.11 2.14
CA TYR B 323 21.00 19.27 2.57
C TYR B 323 20.95 19.34 4.09
N ARG B 324 20.40 20.43 4.63
CA ARG B 324 20.29 20.62 6.08
C ARG B 324 18.84 20.54 6.58
N LEU B 325 18.62 19.73 7.62
CA LEU B 325 17.33 19.64 8.29
C LEU B 325 17.10 20.90 9.12
N ALA B 326 15.98 21.58 8.88
CA ALA B 326 15.68 22.82 9.57
C ALA B 326 14.19 23.12 9.52
N THR B 327 13.76 24.03 10.40
CA THR B 327 12.44 24.64 10.31
C THR B 327 12.49 26.12 10.69
N ASN B 328 11.47 26.85 10.24
CA ASN B 328 11.20 28.17 10.77
C ASN B 328 10.28 28.04 11.96
N ALA B 329 10.82 28.31 13.15
CA ALA B 329 10.04 28.18 14.39
C ALA B 329 8.94 29.23 14.52
N SER B 330 8.99 30.27 13.68
CA SER B 330 7.99 31.35 13.68
C SER B 330 6.73 31.07 12.82
N GLN B 331 6.73 29.96 12.08
CA GLN B 331 5.52 29.55 11.34
C GLN B 331 4.36 29.33 12.32
N ALA B 332 3.13 29.50 11.82
CA ALA B 332 1.91 29.36 12.65
C ALA B 332 1.73 27.93 13.17
N GLY B 333 1.10 27.81 14.33
CA GLY B 333 0.76 26.50 14.90
C GLY B 333 1.83 25.89 15.78
N VAL B 334 1.43 24.86 16.54
CA VAL B 334 2.33 24.16 17.46
C VAL B 334 3.32 23.25 16.71
N GLU B 335 2.87 22.63 15.62
CA GLU B 335 3.74 21.74 14.86
C GLU B 335 4.55 22.54 13.85
N LYS B 336 5.87 22.40 13.92
CA LYS B 336 6.77 23.11 13.01
C LYS B 336 7.26 22.16 11.94
N ILE B 337 6.75 22.33 10.71
CA ILE B 337 7.08 21.46 9.60
C ILE B 337 8.58 21.58 9.25
N LEU B 338 9.23 20.45 9.02
CA LEU B 338 10.67 20.39 8.72
C LEU B 338 10.95 20.41 7.21
N SER B 339 12.03 21.08 6.83
CA SER B 339 12.49 21.10 5.44
C SER B 339 13.92 20.63 5.32
N ALA B 340 14.28 20.23 4.11
CA ALA B 340 15.65 19.93 3.71
C ALA B 340 16.15 21.10 2.89
N LEU B 341 17.04 21.89 3.48
CA LEU B 341 17.47 23.17 2.92
C LEU B 341 18.87 23.10 2.35
N GLU B 342 19.11 23.85 1.29
CA GLU B 342 20.48 24.12 0.84
C GLU B 342 21.25 24.69 2.03
N ILE B 343 22.45 24.17 2.25
CA ILE B 343 23.24 24.49 3.45
C ILE B 343 23.63 25.98 3.56
N PRO B 344 23.98 26.63 2.42
CA PRO B 344 24.19 28.10 2.50
C PRO B 344 22.89 28.93 2.62
N ASP B 345 21.72 28.28 2.57
CA ASP B 345 20.43 28.98 2.61
C ASP B 345 19.76 28.94 3.99
N VAL B 346 20.38 28.27 4.96
CA VAL B 346 19.71 28.06 6.27
C VAL B 346 19.51 29.34 7.06
N GLY B 347 20.47 30.25 6.98
CA GLY B 347 20.38 31.55 7.67
C GLY B 347 20.16 31.33 9.16
N ASN B 348 19.09 31.90 9.70
CA ASN B 348 18.83 31.84 11.13
C ASN B 348 17.74 30.84 11.51
N LEU B 349 17.41 29.94 10.59
CA LEU B 349 16.38 28.96 10.84
C LEU B 349 16.87 27.92 11.86
N SER B 350 15.93 27.33 12.58
CA SER B 350 16.26 26.36 13.63
C SER B 350 16.77 25.05 13.04
N GLN B 351 17.95 24.65 13.47
CA GLN B 351 18.64 23.50 12.88
C GLN B 351 19.43 22.65 13.89
N VAL B 352 19.72 23.21 15.07
CA VAL B 352 20.50 22.45 16.09
C VAL B 352 19.61 21.42 16.78
N VAL B 353 20.12 20.19 16.93
CA VAL B 353 19.34 19.08 17.48
C VAL B 353 20.04 18.49 18.71
N VAL B 354 19.28 18.30 19.80
CA VAL B 354 19.80 17.55 20.95
C VAL B 354 19.45 16.08 20.75
N MET B 355 20.47 15.24 20.69
CA MET B 355 20.28 13.78 20.59
C MET B 355 19.99 13.21 21.97
N LYS B 356 18.89 12.45 22.06
CA LYS B 356 18.46 11.81 23.30
C LYS B 356 18.19 10.33 23.05
N SER B 357 18.53 9.49 24.03
CA SER B 357 18.02 8.14 24.02
C SER B 357 16.74 8.10 24.86
N LYS B 358 15.67 7.53 24.30
CA LYS B 358 14.48 7.16 25.06
C LYS B 358 14.90 6.31 26.25
N ASN B 359 14.32 6.58 27.41
CA ASN B 359 14.67 5.80 28.59
C ASN B 359 13.78 4.56 28.73
N ASP B 360 14.24 3.47 28.12
CA ASP B 360 13.41 2.29 27.85
C ASP B 360 14.06 0.99 28.25
N GLN B 361 13.35 -0.10 27.99
CA GLN B 361 13.90 -1.43 28.07
C GLN B 361 14.93 -1.64 26.96
N GLY B 362 16.13 -2.04 27.34
CA GLY B 362 17.12 -2.58 26.41
C GLY B 362 18.07 -1.59 25.79
N ILE B 363 18.60 -1.96 24.63
CA ILE B 363 19.62 -1.21 23.91
C ILE B 363 19.15 0.22 23.63
N THR B 364 20.05 1.19 23.83
CA THR B 364 19.77 2.62 23.62
C THR B 364 19.74 3.04 22.13
N ASN B 365 18.93 2.35 21.33
CA ASN B 365 18.76 2.68 19.91
C ASN B 365 17.39 3.26 19.56
N LYS B 366 16.60 3.56 20.58
CA LYS B 366 15.36 4.30 20.38
C LYS B 366 15.63 5.76 20.65
N CYS B 367 15.78 6.52 19.56
CA CYS B 367 16.40 7.83 19.61
C CYS B 367 15.36 8.92 19.41
N LYS B 368 15.58 10.04 20.09
CA LYS B 368 14.74 11.21 19.90
C LYS B 368 15.63 12.39 19.56
N MET B 369 15.05 13.37 18.88
CA MET B 369 15.79 14.54 18.41
C MET B 369 15.06 15.83 18.78
N ASN B 370 15.62 16.55 19.75
CA ASN B 370 15.02 17.78 20.25
C ASN B 370 15.58 18.99 19.50
N LEU B 371 14.80 19.50 18.57
CA LEU B 371 15.22 20.64 17.75
C LEU B 371 15.26 21.90 18.61
N GLN B 372 16.32 22.69 18.45
CA GLN B 372 16.46 23.94 19.20
C GLN B 372 16.67 25.14 18.28
N ASP B 373 16.31 26.34 18.76
CA ASP B 373 16.59 27.56 18.00
C ASP B 373 18.03 28.01 18.27
N ASN B 374 18.45 29.09 17.61
CA ASN B 374 19.85 29.51 17.70
C ASN B 374 20.25 30.13 19.03
N ASN B 375 19.25 30.43 19.86
CA ASN B 375 19.52 30.84 21.23
C ASN B 375 19.50 29.67 22.24
N GLY B 376 19.26 28.46 21.72
CA GLY B 376 19.26 27.22 22.53
C GLY B 376 17.93 26.85 23.17
N ASN B 377 16.86 27.53 22.76
CA ASN B 377 15.53 27.24 23.31
C ASN B 377 14.90 26.08 22.58
N ASP B 378 14.23 25.20 23.35
CA ASP B 378 13.59 24.02 22.78
C ASP B 378 12.43 24.38 21.88
N ILE B 379 12.47 23.89 20.64
CA ILE B 379 11.33 23.93 19.74
C ILE B 379 10.54 22.63 19.81
N GLY B 380 11.23 21.52 20.07
CA GLY B 380 10.55 20.25 20.34
C GLY B 380 11.09 19.04 19.61
N PHE B 381 10.71 17.86 20.11
CA PHE B 381 11.12 16.59 19.53
C PHE B 381 10.60 16.46 18.11
N ILE B 382 11.44 15.90 17.25
CA ILE B 382 11.07 15.60 15.88
C ILE B 382 10.20 14.37 15.80
N GLY B 383 9.03 14.55 15.20
CA GLY B 383 8.09 13.47 14.96
C GLY B 383 7.40 13.72 13.64
N PHE B 384 6.08 13.50 13.61
CA PHE B 384 5.27 13.73 12.44
C PHE B 384 3.88 14.21 12.84
N HIS B 385 3.23 14.91 11.93
CA HIS B 385 1.85 15.35 12.10
C HIS B 385 1.10 15.19 10.76
N GLN B 386 -0.16 14.82 10.83
CA GLN B 386 -0.98 14.69 9.62
C GLN B 386 -1.51 16.06 9.17
N PHE B 387 -1.09 16.47 7.97
CA PHE B 387 -1.69 17.62 7.31
C PHE B 387 -2.28 17.14 5.99
N ASN B 388 -3.61 17.14 5.90
CA ASN B 388 -4.31 16.66 4.70
C ASN B 388 -3.83 15.30 4.26
N ASN B 389 -3.81 14.35 5.20
CA ASN B 389 -3.41 12.96 4.91
C ASN B 389 -1.95 12.80 4.42
N ILE B 390 -1.10 13.78 4.73
CA ILE B 390 0.35 13.61 4.52
C ILE B 390 1.01 13.67 5.88
N ALA B 391 1.71 12.60 6.24
CA ALA B 391 2.42 12.55 7.51
C ALA B 391 3.76 13.28 7.40
N LYS B 392 3.71 14.60 7.58
CA LYS B 392 4.92 15.44 7.48
C LYS B 392 5.75 15.41 8.77
N LEU B 393 7.07 15.44 8.62
CA LEU B 393 7.96 15.53 9.77
C LEU B 393 7.81 16.92 10.40
N VAL B 394 7.66 16.94 11.72
CA VAL B 394 7.48 18.17 12.47
C VAL B 394 8.35 18.13 13.71
N ALA B 395 8.68 19.31 14.23
CA ALA B 395 9.12 19.44 15.59
C ALA B 395 7.91 19.94 16.39
N SER B 396 7.67 19.35 17.56
CA SER B 396 6.52 19.75 18.38
C SER B 396 6.82 19.58 19.87
N ASN B 397 6.62 20.66 20.62
CA ASN B 397 6.87 20.66 22.07
C ASN B 397 5.86 19.82 22.86
N TRP B 398 4.75 19.49 22.21
CA TRP B 398 3.78 18.55 22.79
C TRP B 398 4.45 17.23 23.20
N TYR B 399 5.36 16.75 22.35
CA TYR B 399 6.09 15.51 22.60
C TYR B 399 6.86 15.58 23.92
N ASN B 400 7.52 16.72 24.13
CA ASN B 400 8.34 16.97 25.31
C ASN B 400 7.55 16.94 26.62
N ARG B 401 6.27 17.27 26.53
CA ARG B 401 5.41 17.34 27.70
C ARG B 401 4.85 15.98 28.14
N GLN B 402 5.19 14.93 27.40
CA GLN B 402 4.63 13.61 27.67
C GLN B 402 5.55 12.78 28.55
N ILE B 403 4.96 11.95 29.40
CA ILE B 403 5.72 10.98 30.19
C ILE B 403 6.56 10.12 29.24
N GLU B 404 7.80 9.87 29.62
CA GLU B 404 8.77 9.20 28.75
C GLU B 404 8.27 7.86 28.21
N ARG B 405 7.70 7.05 29.12
CA ARG B 405 7.28 5.69 28.79
C ARG B 405 5.90 5.61 28.10
N SER B 406 5.24 6.76 27.95
CA SER B 406 3.95 6.83 27.26
C SER B 406 4.09 6.40 25.80
N SER B 407 3.05 5.77 25.27
CA SER B 407 3.04 5.41 23.85
C SER B 407 2.87 6.66 22.97
N ARG B 408 2.55 7.79 23.60
CA ARG B 408 2.44 9.08 22.92
C ARG B 408 3.76 9.53 22.29
N THR B 409 4.87 8.98 22.77
CA THR B 409 6.21 9.36 22.27
C THR B 409 6.70 8.44 21.15
N LEU B 410 5.91 7.42 20.79
CA LEU B 410 6.28 6.54 19.69
C LEU B 410 6.53 7.31 18.38
N GLY B 411 5.68 8.31 18.12
CA GLY B 411 5.81 9.13 16.90
C GLY B 411 7.06 9.98 16.82
N CYS B 412 7.67 10.26 17.97
CA CYS B 412 8.95 10.97 17.98
C CYS B 412 10.16 10.07 18.38
N SER B 413 10.02 8.76 18.20
CA SER B 413 11.13 7.84 18.47
C SER B 413 11.60 7.19 17.18
N TRP B 414 12.90 7.25 16.96
CA TRP B 414 13.49 6.80 15.69
C TRP B 414 14.63 5.80 15.88
N GLU B 415 14.82 4.98 14.86
CA GLU B 415 16.03 4.20 14.71
C GLU B 415 16.79 4.55 13.41
N PHE B 416 18.11 4.52 13.51
CA PHE B 416 19.02 4.87 12.42
C PHE B 416 19.66 3.59 11.84
N ILE B 417 19.44 3.34 10.55
CA ILE B 417 19.89 2.10 9.89
C ILE B 417 21.03 2.34 8.88
N PRO B 418 22.28 2.06 9.28
CA PRO B 418 23.37 2.13 8.30
C PRO B 418 23.45 0.84 7.46
N VAL B 419 24.11 0.92 6.30
CA VAL B 419 24.42 -0.26 5.50
C VAL B 419 25.34 -1.17 6.32
N ASP B 420 24.99 -2.46 6.41
CA ASP B 420 25.74 -3.40 7.23
C ASP B 420 25.97 -4.73 6.49
N ASP B 421 27.19 -5.24 6.60
CA ASP B 421 27.63 -6.49 5.95
C ASP B 421 26.78 -7.72 6.29
N GLY B 422 26.16 -7.70 7.47
CA GLY B 422 25.33 -8.83 7.90
C GLY B 422 23.90 -8.80 7.39
N TRP B 423 23.52 -7.76 6.63
CA TRP B 423 22.15 -7.64 6.12
C TRP B 423 22.00 -8.03 4.64
N GLY B 424 22.94 -7.56 3.80
CA GLY B 424 23.08 -8.08 2.43
C GLY B 424 22.08 -7.58 1.40
N GLU B 425 21.47 -6.43 1.68
CA GLU B 425 20.57 -5.77 0.74
C GLU B 425 21.41 -4.76 -0.06
N ARG B 426 21.12 -4.64 -1.35
CA ARG B 426 21.79 -3.62 -2.14
C ARG B 426 21.00 -2.33 -2.04
N PRO B 427 21.65 -1.25 -1.55
CA PRO B 427 20.99 0.03 -1.69
C PRO B 427 20.87 0.40 -3.18
N LEU B 428 19.94 1.29 -3.52
CA LEU B 428 19.73 1.70 -4.91
C LEU B 428 20.96 2.36 -5.54
N GLU C 20 -6.23 3.59 24.10
CA GLU C 20 -6.93 4.69 23.37
C GLU C 20 -6.17 5.18 22.13
N GLY C 21 -4.84 5.09 22.16
CA GLY C 21 -4.00 5.40 21.00
C GLY C 21 -3.84 6.89 20.68
N ARG C 22 -3.56 7.69 21.71
CA ARG C 22 -3.26 9.10 21.53
C ARG C 22 -1.90 9.25 20.83
N VAL C 23 -1.91 9.94 19.68
CA VAL C 23 -0.73 10.00 18.82
C VAL C 23 -0.24 11.42 18.64
N GLU C 24 -1.18 12.37 18.58
CA GLU C 24 -0.84 13.78 18.42
C GLU C 24 -1.57 14.62 19.47
N ARG C 25 -1.21 15.89 19.55
CA ARG C 25 -1.90 16.84 20.44
C ARG C 25 -3.41 16.72 20.29
N ASP C 26 -3.88 16.73 19.04
CA ASP C 26 -5.32 16.81 18.75
C ASP C 26 -5.98 15.49 18.32
N LYS C 27 -5.27 14.36 18.37
CA LYS C 27 -5.87 13.12 17.85
C LYS C 27 -5.57 11.79 18.50
N TYR C 28 -6.54 10.89 18.36
CA TYR C 28 -6.40 9.47 18.64
C TYR C 28 -6.45 8.70 17.32
N ALA C 29 -5.72 7.59 17.26
CA ALA C 29 -5.62 6.80 16.03
C ALA C 29 -5.53 5.30 16.30
N ASN C 30 -6.06 4.51 15.36
CA ASN C 30 -5.88 3.05 15.35
C ASN C 30 -6.24 2.39 16.68
N PHE C 31 -7.45 2.68 17.16
CA PHE C 31 -7.91 2.12 18.42
C PHE C 31 -9.19 1.34 18.22
N THR C 32 -9.46 0.44 19.15
CA THR C 32 -10.69 -0.28 19.18
C THR C 32 -11.32 -0.09 20.54
N ILE C 33 -12.54 0.42 20.56
CA ILE C 33 -13.36 0.42 21.76
C ILE C 33 -14.51 -0.56 21.56
N ASN C 34 -14.69 -1.45 22.52
CA ASN C 34 -15.77 -2.43 22.47
C ASN C 34 -16.43 -2.62 23.84
N PHE C 35 -16.42 -1.57 24.64
CA PHE C 35 -16.96 -1.57 26.00
C PHE C 35 -17.86 -0.36 26.20
N THR C 36 -18.74 -0.43 27.21
CA THR C 36 -19.64 0.67 27.53
C THR C 36 -18.87 1.99 27.69
N MET C 37 -19.38 3.04 27.05
CA MET C 37 -18.90 4.41 27.28
C MET C 37 -20.04 5.21 27.92
N GLU C 38 -19.76 5.82 29.07
CA GLU C 38 -20.82 6.35 29.92
C GLU C 38 -20.40 7.67 30.60
N ASN C 39 -21.31 8.64 30.58
CA ASN C 39 -21.16 9.92 31.28
C ASN C 39 -19.84 10.63 30.98
N GLN C 40 -19.64 10.97 29.71
CA GLN C 40 -18.40 11.61 29.27
C GLN C 40 -18.70 12.70 28.26
N ILE C 41 -17.89 13.74 28.28
CA ILE C 41 -17.92 14.77 27.24
C ILE C 41 -16.52 14.92 26.62
N HIS C 42 -16.45 14.82 25.30
CA HIS C 42 -15.18 14.93 24.58
C HIS C 42 -15.25 16.09 23.60
N THR C 43 -14.29 17.00 23.68
CA THR C 43 -14.32 18.21 22.85
C THR C 43 -13.02 18.39 22.05
N GLY C 44 -13.15 18.80 20.80
CA GLY C 44 -12.00 19.27 20.00
C GLY C 44 -11.00 18.21 19.57
N MET C 45 -11.43 16.95 19.58
CA MET C 45 -10.54 15.84 19.25
C MET C 45 -10.75 15.33 17.83
N GLU C 46 -9.66 14.86 17.21
CA GLU C 46 -9.79 14.05 16.01
C GLU C 46 -9.61 12.56 16.33
N TYR C 47 -10.36 11.72 15.62
CA TYR C 47 -10.27 10.28 15.76
C TYR C 47 -10.07 9.67 14.37
N ASP C 48 -8.87 9.12 14.13
CA ASP C 48 -8.49 8.50 12.85
C ASP C 48 -8.53 6.99 13.01
N ASN C 49 -9.22 6.31 12.10
CA ASN C 49 -9.27 4.84 12.10
C ASN C 49 -9.72 4.27 13.44
N GLY C 50 -10.72 4.89 14.03
CA GLY C 50 -11.29 4.42 15.28
C GLY C 50 -12.36 3.39 14.99
N ARG C 51 -12.35 2.32 15.77
CA ARG C 51 -13.35 1.29 15.67
C ARG C 51 -14.16 1.19 16.96
N PHE C 52 -15.41 1.60 16.86
CA PHE C 52 -16.36 1.46 17.95
C PHE C 52 -17.24 0.26 17.62
N ILE C 53 -16.92 -0.87 18.24
CA ILE C 53 -17.52 -2.17 17.90
C ILE C 53 -18.31 -2.73 19.08
N GLY C 54 -19.63 -2.77 18.96
CA GLY C 54 -20.49 -3.31 20.03
C GLY C 54 -20.56 -2.42 21.26
N VAL C 55 -20.31 -1.14 21.05
CA VAL C 55 -20.27 -0.18 22.14
C VAL C 55 -21.68 0.27 22.52
N LYS C 56 -21.93 0.40 23.82
CA LYS C 56 -23.10 1.12 24.30
C LYS C 56 -22.68 2.51 24.80
N PHE C 57 -23.17 3.55 24.12
CA PHE C 57 -23.00 4.94 24.56
C PHE C 57 -24.14 5.34 25.47
N LYS C 58 -23.83 5.91 26.62
CA LYS C 58 -24.86 6.34 27.57
C LYS C 58 -24.48 7.71 28.11
N SER C 59 -25.28 8.71 27.75
CA SER C 59 -25.01 10.11 28.14
C SER C 59 -23.58 10.49 27.77
N VAL C 60 -23.27 10.35 26.49
CA VAL C 60 -21.97 10.72 25.96
C VAL C 60 -22.21 11.81 24.95
N THR C 61 -21.45 12.90 25.08
CA THR C 61 -21.42 13.93 24.04
C THR C 61 -20.02 14.08 23.45
N PHE C 62 -19.96 14.03 22.12
CA PHE C 62 -18.79 14.48 21.38
C PHE C 62 -19.11 15.86 20.83
N LYS C 63 -18.20 16.80 20.99
CA LYS C 63 -18.41 18.15 20.51
C LYS C 63 -17.17 18.69 19.79
N ASP C 64 -17.40 19.36 18.65
CA ASP C 64 -16.31 19.96 17.84
C ASP C 64 -15.23 18.93 17.48
N SER C 65 -15.66 17.73 17.11
CA SER C 65 -14.74 16.64 16.88
C SER C 65 -14.76 16.20 15.44
N VAL C 66 -13.66 15.58 15.02
CA VAL C 66 -13.52 15.06 13.67
C VAL C 66 -13.34 13.53 13.73
N PHE C 67 -14.12 12.81 12.95
CA PHE C 67 -13.96 11.36 12.82
C PHE C 67 -13.56 11.04 11.40
N LYS C 68 -12.32 10.58 11.21
CA LYS C 68 -11.80 10.18 9.89
C LYS C 68 -11.60 8.65 9.78
N SER C 69 -12.23 8.05 8.75
CA SER C 69 -12.09 6.60 8.48
C SER C 69 -12.41 5.76 9.70
N CYS C 70 -13.42 6.18 10.46
CA CYS C 70 -13.84 5.42 11.60
C CYS C 70 -14.91 4.41 11.19
N THR C 71 -15.11 3.41 12.05
CA THR C 71 -16.18 2.43 11.89
C THR C 71 -16.97 2.39 13.19
N PHE C 72 -18.28 2.63 13.09
CA PHE C 72 -19.21 2.38 14.18
C PHE C 72 -20.02 1.15 13.81
N GLU C 73 -19.90 0.09 14.62
CA GLU C 73 -20.49 -1.19 14.26
C GLU C 73 -21.20 -1.85 15.44
N ASP C 74 -22.47 -2.19 15.24
CA ASP C 74 -23.32 -2.80 16.28
C ASP C 74 -23.31 -1.97 17.57
N VAL C 75 -23.54 -0.67 17.42
CA VAL C 75 -23.57 0.21 18.59
C VAL C 75 -25.00 0.66 18.91
N THR C 76 -25.27 0.80 20.20
CA THR C 76 -26.50 1.43 20.67
C THR C 76 -26.13 2.67 21.48
N SER C 77 -27.07 3.59 21.63
CA SER C 77 -26.81 4.87 22.28
C SER C 77 -28.05 5.48 22.94
N VAL C 78 -27.88 5.96 24.17
CA VAL C 78 -28.93 6.64 24.91
C VAL C 78 -28.39 8.00 25.38
N ASN C 79 -29.19 9.05 25.19
CA ASN C 79 -28.80 10.40 25.58
C ASN C 79 -27.40 10.73 25.05
N THR C 80 -27.18 10.35 23.78
CA THR C 80 -25.89 10.51 23.14
C THR C 80 -25.99 11.46 21.97
N TYR C 81 -25.07 12.42 21.92
CA TYR C 81 -25.07 13.44 20.87
C TYR C 81 -23.70 13.71 20.30
N PHE C 82 -23.66 13.94 18.99
CA PHE C 82 -22.52 14.48 18.30
C PHE C 82 -22.87 15.89 17.87
N LYS C 83 -22.23 16.88 18.50
CA LYS C 83 -22.53 18.30 18.26
C LYS C 83 -21.38 18.99 17.51
N ASN C 84 -21.69 19.54 16.34
CA ASN C 84 -20.69 20.23 15.51
C ASN C 84 -19.51 19.32 15.17
N CYS C 85 -19.83 18.07 14.87
CA CYS C 85 -18.82 17.11 14.49
C CYS C 85 -18.77 16.93 12.99
N THR C 86 -17.57 16.62 12.48
CA THR C 86 -17.40 16.26 11.07
C THR C 86 -17.01 14.78 10.94
N PHE C 87 -17.74 14.08 10.09
CA PHE C 87 -17.44 12.67 9.82
C PHE C 87 -16.99 12.53 8.38
N ILE C 88 -15.82 11.92 8.20
CA ILE C 88 -15.17 11.76 6.90
C ILE C 88 -14.87 10.29 6.64
N ASP C 89 -15.26 9.79 5.47
CA ASP C 89 -14.97 8.39 5.06
C ASP C 89 -15.31 7.38 6.19
N THR C 90 -16.40 7.61 6.88
CA THR C 90 -16.73 6.84 8.08
C THR C 90 -17.91 5.93 7.79
N VAL C 91 -17.91 4.76 8.39
CA VAL C 91 -18.95 3.76 8.16
C VAL C 91 -19.78 3.57 9.42
N PHE C 92 -21.10 3.64 9.26
CA PHE C 92 -22.02 3.37 10.34
C PHE C 92 -22.80 2.09 9.99
N ASP C 93 -22.38 0.99 10.61
CA ASP C 93 -22.86 -0.35 10.27
C ASP C 93 -23.69 -0.92 11.42
N ASN C 94 -25.00 -1.01 11.20
CA ASN C 94 -25.92 -1.49 12.22
C ASN C 94 -25.80 -0.71 13.56
N THR C 95 -25.82 0.62 13.46
CA THR C 95 -25.93 1.48 14.63
C THR C 95 -27.39 1.88 14.84
N ASP C 96 -27.69 2.49 15.98
CA ASP C 96 -28.99 3.09 16.17
C ASP C 96 -28.92 4.62 15.94
N PHE C 97 -27.93 5.05 15.16
CA PHE C 97 -27.69 6.50 14.95
C PHE C 97 -28.70 7.15 14.00
N GLU C 98 -29.87 7.47 14.53
CA GLU C 98 -30.86 8.27 13.80
C GLU C 98 -30.40 9.73 13.64
N PRO C 99 -31.06 10.50 12.75
CA PRO C 99 -30.70 11.91 12.55
C PRO C 99 -30.59 12.74 13.87
N TYR C 100 -31.44 12.45 14.86
CA TYR C 100 -31.45 13.23 16.11
C TYR C 100 -30.21 13.02 17.03
N LYS C 101 -29.37 12.05 16.70
CA LYS C 101 -28.07 11.89 17.41
C LYS C 101 -27.06 12.98 17.05
N PHE C 102 -27.34 13.71 15.99
CA PHE C 102 -26.41 14.68 15.44
C PHE C 102 -27.01 16.08 15.51
N ILE C 103 -26.22 17.04 16.00
CA ILE C 103 -26.64 18.43 16.00
C ILE C 103 -25.59 19.21 15.25
N ASP C 104 -26.00 19.87 14.18
CA ASP C 104 -25.11 20.72 13.36
C ASP C 104 -23.84 19.96 12.95
N SER C 105 -24.02 18.71 12.53
CA SER C 105 -22.90 17.89 12.13
C SER C 105 -22.82 17.71 10.62
N GLU C 106 -21.65 17.31 10.16
CA GLU C 106 -21.34 17.30 8.77
C GLU C 106 -20.81 15.91 8.39
N PHE C 107 -21.32 15.36 7.28
CA PHE C 107 -20.87 14.05 6.77
C PHE C 107 -20.26 14.21 5.39
N LYS C 108 -19.10 13.60 5.17
CA LYS C 108 -18.37 13.66 3.90
C LYS C 108 -17.99 12.23 3.49
N ASN C 109 -18.62 11.72 2.43
CA ASN C 109 -18.35 10.36 1.93
C ASN C 109 -18.57 9.30 3.01
N CYS C 110 -19.69 9.39 3.71
CA CYS C 110 -19.96 8.47 4.77
C CYS C 110 -20.96 7.42 4.33
N SER C 111 -20.79 6.21 4.84
CA SER C 111 -21.68 5.10 4.52
C SER C 111 -22.54 4.71 5.72
N PHE C 112 -23.82 4.47 5.44
CA PHE C 112 -24.78 4.03 6.46
C PHE C 112 -25.43 2.71 6.06
N PHE C 113 -25.14 1.65 6.83
CA PHE C 113 -25.80 0.34 6.64
C PHE C 113 -26.61 -0.08 7.85
N HIS C 114 -27.76 -0.71 7.61
CA HIS C 114 -28.57 -1.24 8.71
C HIS C 114 -29.38 -2.44 8.23
N ASN C 115 -29.49 -3.47 9.08
CA ASN C 115 -30.44 -4.56 8.82
C ASN C 115 -31.86 -4.00 8.72
N LYS C 116 -32.67 -4.60 7.84
CA LYS C 116 -34.06 -4.17 7.67
C LYS C 116 -34.82 -4.13 9.01
N GLU D 24 25.51 -18.02 -17.79
CA GLU D 24 26.70 -17.22 -17.39
C GLU D 24 27.70 -17.10 -18.54
N ARG D 25 29.00 -17.23 -18.23
CA ARG D 25 30.10 -16.98 -19.19
C ARG D 25 30.02 -15.56 -19.76
N ASP D 26 29.90 -15.43 -21.09
CA ASP D 26 29.99 -14.13 -21.77
C ASP D 26 29.29 -12.97 -21.03
N LYS D 27 30.03 -11.89 -20.83
CA LYS D 27 29.58 -10.77 -19.99
C LYS D 27 29.31 -9.49 -20.80
N TYR D 28 28.51 -8.60 -20.22
CA TYR D 28 28.17 -7.30 -20.82
C TYR D 28 27.86 -6.33 -19.67
N ALA D 29 28.63 -5.25 -19.57
CA ALA D 29 28.67 -4.46 -18.34
C ALA D 29 28.38 -2.96 -18.53
N ASN D 30 27.89 -2.32 -17.46
CA ASN D 30 27.77 -0.86 -17.36
C ASN D 30 26.93 -0.21 -18.46
N PHE D 31 25.71 -0.71 -18.65
CA PHE D 31 24.84 -0.18 -19.72
C PHE D 31 23.50 0.32 -19.20
N THR D 32 22.84 1.15 -20.00
CA THR D 32 21.48 1.62 -19.69
C THR D 32 20.62 1.49 -20.92
N ILE D 33 19.47 0.84 -20.76
CA ILE D 33 18.51 0.70 -21.82
C ILE D 33 17.23 1.43 -21.43
N ASN D 34 16.75 2.28 -22.34
CA ASN D 34 15.55 3.09 -22.09
C ASN D 34 14.57 3.06 -23.25
N PHE D 35 14.73 2.06 -24.12
CA PHE D 35 13.92 1.91 -25.32
C PHE D 35 13.18 0.58 -25.34
N THR D 36 12.11 0.50 -26.14
CA THR D 36 11.32 -0.73 -26.25
C THR D 36 12.12 -1.91 -26.82
N MET D 37 11.96 -3.07 -26.20
CA MET D 37 12.51 -4.33 -26.72
C MET D 37 11.38 -5.21 -27.25
N GLU D 38 11.44 -5.55 -28.53
CA GLU D 38 10.39 -6.32 -29.18
C GLU D 38 10.88 -7.59 -29.83
N ASN D 39 10.19 -8.70 -29.54
CA ASN D 39 10.40 -9.99 -30.23
C ASN D 39 11.85 -10.42 -30.26
N GLN D 40 12.42 -10.58 -29.08
CA GLN D 40 13.84 -10.88 -28.92
C GLN D 40 14.01 -12.06 -27.98
N ILE D 41 14.97 -12.93 -28.29
CA ILE D 41 15.40 -13.95 -27.34
C ILE D 41 16.89 -13.78 -27.05
N HIS D 42 17.22 -13.59 -25.77
CA HIS D 42 18.62 -13.45 -25.33
C HIS D 42 19.00 -14.67 -24.50
N THR D 43 20.15 -15.26 -24.80
CA THR D 43 20.59 -16.49 -24.14
C THR D 43 22.04 -16.44 -23.65
N GLY D 44 22.28 -17.00 -22.46
CA GLY D 44 23.61 -17.35 -22.00
C GLY D 44 24.51 -16.18 -21.65
N MET D 45 23.91 -15.02 -21.40
CA MET D 45 24.67 -13.82 -21.13
C MET D 45 24.69 -13.47 -19.64
N GLU D 46 25.74 -12.79 -19.21
CA GLU D 46 25.73 -12.14 -17.90
C GLU D 46 25.66 -10.64 -18.10
N TYR D 47 24.71 -10.02 -17.43
CA TYR D 47 24.55 -8.58 -17.45
C TYR D 47 24.97 -8.02 -16.08
N ASP D 48 26.12 -7.36 -16.04
CA ASP D 48 26.63 -6.71 -14.83
C ASP D 48 26.28 -5.24 -14.86
N ASN D 49 25.65 -4.75 -13.80
CA ASN D 49 25.32 -3.31 -13.66
C ASN D 49 24.55 -2.76 -14.87
N GLY D 50 23.47 -3.44 -15.23
CA GLY D 50 22.63 -3.04 -16.35
C GLY D 50 21.34 -2.42 -15.89
N ARG D 51 20.99 -1.28 -16.49
CA ARG D 51 19.78 -0.55 -16.10
C ARG D 51 18.72 -0.61 -17.18
N PHE D 52 17.56 -1.17 -16.85
CA PHE D 52 16.41 -1.17 -17.74
C PHE D 52 15.38 -0.18 -17.20
N ILE D 53 15.47 1.06 -17.67
CA ILE D 53 14.72 2.17 -17.10
C ILE D 53 13.67 2.68 -18.06
N GLY D 54 12.41 2.72 -17.60
CA GLY D 54 11.30 3.16 -18.44
C GLY D 54 11.16 2.32 -19.70
N VAL D 55 11.33 1.01 -19.55
CA VAL D 55 11.36 0.10 -20.71
C VAL D 55 10.05 -0.64 -20.87
N LYS D 56 9.60 -0.77 -22.11
CA LYS D 56 8.52 -1.68 -22.46
C LYS D 56 9.12 -2.96 -23.05
N PHE D 57 8.86 -4.10 -22.40
CA PHE D 57 9.18 -5.43 -22.94
C PHE D 57 7.94 -6.00 -23.64
N LYS D 58 8.09 -6.39 -24.91
CA LYS D 58 7.01 -7.06 -25.63
C LYS D 58 7.52 -8.30 -26.37
N SER D 59 7.05 -9.47 -25.93
CA SER D 59 7.49 -10.77 -26.46
C SER D 59 9.02 -10.95 -26.38
N VAL D 60 9.57 -10.62 -25.21
CA VAL D 60 11.00 -10.84 -24.96
C VAL D 60 11.20 -12.08 -24.07
N THR D 61 12.24 -12.86 -24.36
CA THR D 61 12.64 -13.97 -23.51
C THR D 61 14.15 -13.93 -23.22
N PHE D 62 14.49 -14.00 -21.93
CA PHE D 62 15.87 -14.24 -21.50
C PHE D 62 15.99 -15.70 -21.04
N LYS D 63 17.03 -16.39 -21.52
CA LYS D 63 17.29 -17.78 -21.13
C LYS D 63 18.68 -17.93 -20.56
N ASP D 64 18.79 -18.69 -19.46
CA ASP D 64 20.10 -19.05 -18.90
C ASP D 64 21.01 -17.82 -18.72
N SER D 65 20.44 -16.73 -18.22
CA SER D 65 21.16 -15.47 -18.10
C SER D 65 21.37 -15.02 -16.64
N VAL D 66 22.50 -14.36 -16.39
CA VAL D 66 22.78 -13.85 -15.06
C VAL D 66 22.69 -12.33 -15.07
N PHE D 67 21.95 -11.80 -14.10
CA PHE D 67 21.88 -10.36 -13.87
C PHE D 67 22.49 -10.06 -12.51
N LYS D 68 23.62 -9.37 -12.50
CA LYS D 68 24.32 -9.02 -11.27
C LYS D 68 24.28 -7.53 -11.10
N SER D 69 23.78 -7.07 -9.95
CA SER D 69 23.67 -5.64 -9.64
C SER D 69 22.96 -4.85 -10.73
N CYS D 70 21.90 -5.44 -11.29
CA CYS D 70 21.12 -4.79 -12.33
C CYS D 70 19.94 -4.04 -11.73
N THR D 71 19.31 -3.21 -12.55
CA THR D 71 18.14 -2.47 -12.11
C THR D 71 17.05 -2.49 -13.16
N PHE D 72 15.85 -2.83 -12.72
CA PHE D 72 14.67 -2.73 -13.53
C PHE D 72 13.77 -1.70 -12.89
N GLU D 73 13.58 -0.58 -13.57
CA GLU D 73 12.84 0.56 -13.01
C GLU D 73 11.82 1.11 -13.99
N ASP D 74 10.58 1.27 -13.52
CA ASP D 74 9.45 1.71 -14.35
C ASP D 74 9.31 0.91 -15.65
N VAL D 75 9.21 -0.40 -15.52
CA VAL D 75 9.06 -1.27 -16.70
C VAL D 75 7.68 -1.91 -16.79
N THR D 76 7.19 -2.01 -18.02
CA THR D 76 5.99 -2.79 -18.33
C THR D 76 6.41 -3.97 -19.20
N SER D 77 5.67 -5.06 -19.12
CA SER D 77 6.00 -6.25 -19.89
C SER D 77 4.77 -6.98 -20.40
N VAL D 78 4.87 -7.49 -21.62
CA VAL D 78 3.81 -8.28 -22.23
C VAL D 78 4.48 -9.52 -22.84
N ASN D 79 3.92 -10.70 -22.57
CA ASN D 79 4.44 -11.96 -23.12
C ASN D 79 5.96 -12.09 -22.95
N THR D 80 6.45 -11.72 -21.77
CA THR D 80 7.88 -11.69 -21.48
C THR D 80 8.23 -12.67 -20.36
N TYR D 81 9.27 -13.47 -20.59
CA TYR D 81 9.64 -14.52 -19.64
C TYR D 81 11.14 -14.60 -19.38
N PHE D 82 11.48 -14.84 -18.12
CA PHE D 82 12.84 -15.15 -17.72
C PHE D 82 12.88 -16.63 -17.39
N LYS D 83 13.71 -17.36 -18.13
CA LYS D 83 13.74 -18.81 -18.05
C LYS D 83 15.14 -19.27 -17.68
N ASN D 84 15.25 -19.98 -16.55
CA ASN D 84 16.53 -20.46 -16.04
C ASN D 84 17.54 -19.32 -15.80
N CYS D 85 17.04 -18.20 -15.29
CA CYS D 85 17.89 -17.03 -15.02
C CYS D 85 18.21 -16.91 -13.54
N THR D 86 19.32 -16.24 -13.24
CA THR D 86 19.69 -15.93 -11.86
C THR D 86 19.86 -14.43 -11.68
N PHE D 87 19.21 -13.88 -10.67
CA PHE D 87 19.27 -12.46 -10.38
C PHE D 87 20.01 -12.23 -9.07
N ILE D 88 21.10 -11.49 -9.13
CA ILE D 88 21.96 -11.25 -7.97
C ILE D 88 22.04 -9.76 -7.68
N ASP D 89 21.84 -9.38 -6.41
CA ASP D 89 21.94 -7.98 -5.96
C ASP D 89 21.17 -7.02 -6.88
N THR D 90 20.03 -7.47 -7.38
CA THR D 90 19.29 -6.76 -8.41
C THR D 90 17.98 -6.17 -7.88
N VAL D 91 17.66 -4.96 -8.34
CA VAL D 91 16.53 -4.22 -7.80
C VAL D 91 15.44 -4.15 -8.86
N PHE D 92 14.21 -4.42 -8.43
CA PHE D 92 13.04 -4.29 -9.28
C PHE D 92 12.12 -3.21 -8.69
N ASP D 93 12.16 -2.03 -9.29
CA ASP D 93 11.52 -0.84 -8.76
C ASP D 93 10.49 -0.33 -9.76
N ASN D 94 9.22 -0.36 -9.35
CA ASN D 94 8.12 0.00 -10.25
C ASN D 94 8.08 -0.89 -11.50
N THR D 95 8.03 -2.21 -11.30
CA THR D 95 7.84 -3.13 -12.42
C THR D 95 6.46 -3.77 -12.35
N ASP D 96 6.03 -4.40 -13.44
CA ASP D 96 4.80 -5.18 -13.44
C ASP D 96 5.13 -6.67 -13.40
N PHE D 97 6.37 -6.98 -13.01
CA PHE D 97 6.83 -8.37 -12.93
C PHE D 97 6.06 -9.15 -11.87
N GLU D 98 5.70 -10.38 -12.21
CA GLU D 98 4.97 -11.27 -11.31
C GLU D 98 5.54 -12.69 -11.37
N PRO D 99 5.42 -13.47 -10.27
CA PRO D 99 6.02 -14.81 -10.16
C PRO D 99 5.99 -15.65 -11.45
N TYR D 100 4.85 -15.67 -12.13
CA TYR D 100 4.68 -16.51 -13.33
C TYR D 100 5.62 -16.10 -14.48
N LYS D 101 6.06 -14.85 -14.48
CA LYS D 101 6.98 -14.36 -15.50
C LYS D 101 8.40 -14.91 -15.31
N PHE D 102 8.68 -15.47 -14.14
CA PHE D 102 9.98 -16.10 -13.85
C PHE D 102 9.85 -17.60 -13.77
N ILE D 103 10.57 -18.30 -14.64
CA ILE D 103 10.50 -19.76 -14.77
C ILE D 103 11.86 -20.36 -14.45
N ASP D 104 11.87 -21.28 -13.49
CA ASP D 104 13.11 -21.95 -13.03
C ASP D 104 14.20 -20.94 -12.68
N SER D 105 13.79 -19.81 -12.13
CA SER D 105 14.71 -18.71 -11.87
C SER D 105 14.97 -18.53 -10.37
N GLU D 106 16.14 -17.98 -10.05
CA GLU D 106 16.54 -17.78 -8.67
C GLU D 106 16.91 -16.32 -8.40
N PHE D 107 16.64 -15.87 -7.17
CA PHE D 107 16.95 -14.50 -6.74
C PHE D 107 17.88 -14.54 -5.52
N LYS D 108 18.94 -13.73 -5.58
CA LYS D 108 19.92 -13.64 -4.50
C LYS D 108 20.12 -12.17 -4.11
N ASN D 109 19.75 -11.85 -2.86
CA ASN D 109 19.76 -10.48 -2.38
C ASN D 109 19.07 -9.50 -3.35
N CYS D 110 17.87 -9.83 -3.80
CA CYS D 110 17.12 -8.94 -4.68
C CYS D 110 16.04 -8.15 -3.94
N SER D 111 15.87 -6.89 -4.36
CA SER D 111 14.86 -6.00 -3.82
C SER D 111 13.69 -5.82 -4.79
N PHE D 112 12.48 -5.73 -4.24
CA PHE D 112 11.27 -5.45 -5.00
C PHE D 112 10.47 -4.35 -4.30
N PHE D 113 10.26 -3.22 -5.00
CA PHE D 113 9.28 -2.18 -4.59
C PHE D 113 8.18 -1.96 -5.63
N HIS D 114 6.96 -1.69 -5.13
CA HIS D 114 5.78 -1.33 -5.95
C HIS D 114 5.23 -2.44 -6.85
#